data_2BM2
#
_entry.id   2BM2
#
_cell.length_a   82.000
_cell.length_b   82.000
_cell.length_c   171.190
_cell.angle_alpha   90.00
_cell.angle_beta   90.00
_cell.angle_gamma   90.00
#
_symmetry.space_group_name_H-M   'P 41'
#
loop_
_entity.id
_entity.type
_entity.pdbx_description
1 polymer 'HUMAN BETA2 TRYPTASE'
2 non-polymer 1-[3-(1-{[5-(2-PHENYLETHYL)PYRIDIN-3-YL]CARBONYL}PIPERIDIN-4-YL)PHENYL]METHANAMINE
3 water water
#
_entity_poly.entity_id   1
_entity_poly.type   'polypeptide(L)'
_entity_poly.pdbx_seq_one_letter_code
;IVGGQEAPRSKWPWQVSLRVHGPYWMHFCGGSLIHPQWVLTAAHCVGPDVKDLAALRVQLREQHLYYQDQLLPVSRIIVH
PQFYTAQIGADIALLELEEPVKVSSHVHTVTLPPASETFPPGMPCWVTGWGDVDNDERLPPPFPLKQVKVPIMENHICDA
KYHLGAYTGDDVRIVRDDMLCAGNTRRDSCQGDSGGPLVCKVNGTWLQAGVVSWGEGCAQPNRPGIYTRVTYYLDWIHHY
VPKKP
;
_entity_poly.pdbx_strand_id   A,B,C,D
#
# COMPACT_ATOMS: atom_id res chain seq x y z
N ILE A 1 -3.95 14.58 -16.45
CA ILE A 1 -3.25 15.42 -17.46
C ILE A 1 -1.91 15.88 -16.89
N VAL A 2 -0.84 15.60 -17.60
CA VAL A 2 0.49 16.00 -17.17
C VAL A 2 0.80 17.35 -17.83
N GLY A 3 1.19 18.33 -17.02
CA GLY A 3 1.47 19.65 -17.56
C GLY A 3 0.16 20.37 -17.78
N GLY A 4 0.17 21.41 -18.59
CA GLY A 4 -1.06 22.14 -18.83
C GLY A 4 -1.60 22.92 -17.64
N GLN A 5 -2.90 23.18 -17.63
CA GLN A 5 -3.51 23.95 -16.56
C GLN A 5 -4.96 23.62 -16.34
N GLU A 6 -5.52 24.17 -15.28
CA GLU A 6 -6.93 23.92 -15.01
C GLU A 6 -7.62 24.61 -16.19
N ALA A 7 -8.71 24.04 -16.67
CA ALA A 7 -9.42 24.59 -17.80
C ALA A 7 -10.49 25.61 -17.47
N PRO A 8 -10.55 26.71 -18.22
CA PRO A 8 -11.58 27.72 -17.96
C PRO A 8 -12.96 27.04 -18.01
N ARG A 9 -13.94 27.63 -17.35
CA ARG A 9 -15.28 27.06 -17.33
C ARG A 9 -15.99 26.99 -18.69
N SER A 10 -15.62 27.88 -19.61
CA SER A 10 -16.23 27.92 -20.94
C SER A 10 -15.77 26.86 -21.95
N LYS A 11 -14.49 26.51 -21.92
CA LYS A 11 -13.96 25.52 -22.86
C LYS A 11 -14.27 24.06 -22.50
N TRP A 12 -14.33 23.23 -23.55
CA TRP A 12 -14.60 21.79 -23.43
C TRP A 12 -16.00 21.44 -22.93
N PRO A 13 -17.03 21.87 -23.68
CA PRO A 13 -18.42 21.60 -23.29
C PRO A 13 -18.84 20.14 -23.38
N TRP A 14 -18.06 19.37 -24.12
CA TRP A 14 -18.32 17.93 -24.35
C TRP A 14 -17.76 16.96 -23.31
N GLN A 15 -16.77 17.41 -22.54
CA GLN A 15 -16.13 16.56 -21.52
C GLN A 15 -17.12 15.94 -20.55
N VAL A 16 -16.97 14.64 -20.33
CA VAL A 16 -17.82 13.92 -19.37
C VAL A 16 -16.94 13.01 -18.51
N SER A 17 -17.43 12.69 -17.31
CA SER A 17 -16.71 11.83 -16.38
C SER A 17 -17.50 10.54 -16.21
N LEU A 18 -16.84 9.41 -16.25
CA LEU A 18 -17.55 8.13 -16.05
C LEU A 18 -17.43 7.79 -14.56
N ARG A 19 -18.47 7.17 -13.99
CA ARG A 19 -18.49 6.84 -12.56
C ARG A 19 -18.92 5.42 -12.21
N VAL A 20 -18.19 4.82 -11.29
CA VAL A 20 -18.52 3.48 -10.82
C VAL A 20 -18.98 3.59 -9.37
N HIS A 21 -20.01 2.84 -8.98
CA HIS A 21 -20.48 2.92 -7.61
C HIS A 21 -19.61 2.17 -6.61
N GLY A 22 -19.38 2.84 -5.49
CA GLY A 22 -18.58 2.29 -4.41
C GLY A 22 -18.90 3.22 -3.28
N PRO A 23 -17.98 3.46 -2.32
CA PRO A 23 -18.27 4.37 -1.22
C PRO A 23 -18.87 5.65 -1.75
N TYR A 24 -18.51 5.96 -2.99
CA TYR A 24 -19.02 7.13 -3.67
C TYR A 24 -18.94 6.79 -5.14
N TRP A 25 -19.64 7.58 -5.97
CA TRP A 25 -19.61 7.36 -7.41
C TRP A 25 -18.26 7.90 -7.91
N MET A 26 -17.26 7.05 -7.82
CA MET A 26 -15.91 7.42 -8.20
C MET A 26 -15.67 7.54 -9.70
N HIS A 27 -14.92 8.57 -10.07
CA HIS A 27 -14.56 8.82 -11.46
C HIS A 27 -13.52 7.78 -11.91
N PHE A 28 -13.63 7.29 -13.13
CA PHE A 28 -12.62 6.35 -13.56
C PHE A 28 -12.08 6.54 -14.96
N CYS A 29 -12.79 7.30 -15.77
CA CYS A 29 -12.35 7.54 -17.13
C CYS A 29 -13.04 8.77 -17.67
N GLY A 30 -12.49 9.30 -18.75
CA GLY A 30 -13.06 10.43 -19.43
C GLY A 30 -14.06 9.92 -20.47
N GLY A 31 -14.65 10.85 -21.22
CA GLY A 31 -15.63 10.53 -22.22
C GLY A 31 -16.04 11.85 -22.89
N SER A 32 -16.81 11.76 -23.97
CA SER A 32 -17.20 12.97 -24.65
C SER A 32 -18.56 12.86 -25.32
N LEU A 33 -19.37 13.89 -25.15
CA LEU A 33 -20.70 13.95 -25.75
C LEU A 33 -20.55 14.14 -27.25
N ILE A 34 -20.97 13.15 -28.04
CA ILE A 34 -20.86 13.28 -29.51
C ILE A 34 -22.26 13.42 -30.10
N HIS A 35 -23.27 13.21 -29.26
CA HIS A 35 -24.66 13.31 -29.67
C HIS A 35 -25.47 13.54 -28.40
N PRO A 36 -26.57 14.31 -28.50
CA PRO A 36 -27.33 14.52 -27.28
C PRO A 36 -27.54 13.27 -26.45
N GLN A 37 -27.56 12.11 -27.10
CA GLN A 37 -27.78 10.83 -26.39
C GLN A 37 -26.64 9.78 -26.40
N TRP A 38 -25.46 10.14 -26.90
CA TRP A 38 -24.35 9.18 -26.94
C TRP A 38 -23.01 9.74 -26.47
N VAL A 39 -22.34 8.99 -25.59
CA VAL A 39 -21.01 9.41 -25.12
C VAL A 39 -19.99 8.45 -25.72
N LEU A 40 -18.93 9.01 -26.29
CA LEU A 40 -17.81 8.27 -26.88
C LEU A 40 -16.66 8.15 -25.86
N THR A 41 -16.27 6.92 -25.53
CA THR A 41 -15.19 6.65 -24.60
C THR A 41 -14.26 5.50 -25.11
N ALA A 42 -13.38 5.00 -24.23
CA ALA A 42 -12.45 3.91 -24.58
C ALA A 42 -13.00 2.55 -24.14
N ALA A 43 -12.86 1.57 -25.01
CA ALA A 43 -13.35 0.23 -24.67
C ALA A 43 -12.70 -0.29 -23.39
N HIS A 44 -11.42 0.05 -23.15
CA HIS A 44 -10.76 -0.46 -21.95
C HIS A 44 -11.36 0.07 -20.65
N CYS A 45 -12.00 1.23 -20.73
CA CYS A 45 -12.65 1.83 -19.58
C CYS A 45 -13.83 0.99 -19.16
N VAL A 46 -14.53 0.42 -20.13
CA VAL A 46 -15.69 -0.38 -19.79
C VAL A 46 -15.60 -1.86 -20.22
N GLY A 47 -14.42 -2.29 -20.65
CA GLY A 47 -14.26 -3.66 -21.07
C GLY A 47 -12.88 -4.23 -20.84
N PRO A 48 -12.60 -5.42 -21.42
CA PRO A 48 -13.48 -6.24 -22.27
C PRO A 48 -14.53 -7.14 -21.62
N ASP A 49 -14.46 -7.34 -20.32
CA ASP A 49 -15.46 -8.18 -19.68
C ASP A 49 -16.73 -7.37 -19.43
N VAL A 50 -17.88 -8.04 -19.53
CA VAL A 50 -19.16 -7.39 -19.33
C VAL A 50 -19.38 -6.91 -17.90
N LYS A 51 -19.83 -5.67 -17.77
CA LYS A 51 -20.05 -5.06 -16.47
C LYS A 51 -21.52 -4.67 -16.25
N ASP A 52 -21.95 -4.65 -15.00
CA ASP A 52 -23.33 -4.30 -14.61
C ASP A 52 -23.68 -2.84 -14.89
N LEU A 53 -24.70 -2.61 -15.71
CA LEU A 53 -25.12 -1.27 -16.06
C LEU A 53 -25.56 -0.45 -14.84
N ALA A 54 -26.10 -1.11 -13.83
CA ALA A 54 -26.55 -0.42 -12.63
C ALA A 54 -25.37 0.12 -11.86
N ALA A 55 -24.17 -0.24 -12.31
CA ALA A 55 -22.94 0.18 -11.65
C ALA A 55 -22.29 1.39 -12.30
N LEU A 56 -22.86 1.87 -13.41
CA LEU A 56 -22.27 3.00 -14.13
C LEU A 56 -23.17 4.23 -14.24
N ARG A 57 -22.55 5.40 -14.27
CA ARG A 57 -23.29 6.63 -14.37
C ARG A 57 -22.40 7.60 -15.12
N VAL A 58 -22.99 8.64 -15.71
CA VAL A 58 -22.23 9.65 -16.48
C VAL A 58 -22.45 11.05 -15.90
N GLN A 59 -21.42 11.87 -15.96
CA GLN A 59 -21.47 13.24 -15.46
C GLN A 59 -21.05 14.16 -16.59
N LEU A 60 -21.86 15.18 -16.89
CA LEU A 60 -21.51 16.10 -17.96
C LEU A 60 -20.54 17.15 -17.46
N ARG A 61 -20.04 18.00 -18.35
CA ARG A 61 -19.07 19.06 -18.00
C ARG A 61 -19.23 19.58 -16.57
N GLU A 62 -18.25 19.25 -15.72
CA GLU A 62 -18.25 19.66 -14.30
C GLU A 62 -16.88 20.30 -14.04
N GLN A 63 -16.86 21.54 -13.56
CA GLN A 63 -15.59 22.24 -13.32
C GLN A 63 -14.69 21.57 -12.32
N HIS A 64 -15.26 21.10 -11.21
CA HIS A 64 -14.51 20.41 -10.16
C HIS A 64 -15.26 19.12 -9.89
N LEU A 65 -14.61 17.96 -9.98
CA LEU A 65 -15.33 16.71 -9.73
C LEU A 65 -15.98 16.64 -8.35
N TYR A 66 -17.04 15.87 -8.26
CA TYR A 66 -17.80 15.65 -7.03
C TYR A 66 -18.57 16.86 -6.53
N TYR A 67 -18.03 18.06 -6.70
CA TYR A 67 -18.64 19.32 -6.27
C TYR A 67 -20.16 19.41 -6.46
N GLN A 68 -20.61 19.48 -7.70
CA GLN A 68 -22.05 19.57 -7.95
C GLN A 68 -22.47 18.48 -8.96
N ASP A 69 -22.46 17.23 -8.52
CA ASP A 69 -22.80 16.11 -9.38
C ASP A 69 -24.26 16.05 -9.83
N GLN A 70 -24.47 15.60 -11.06
CA GLN A 70 -25.79 15.42 -11.65
C GLN A 70 -25.64 14.13 -12.48
N LEU A 71 -25.54 13.02 -11.77
CA LEU A 71 -25.32 11.69 -12.34
C LEU A 71 -26.38 11.13 -13.31
N LEU A 72 -25.94 10.74 -14.49
CA LEU A 72 -26.88 10.22 -15.50
C LEU A 72 -26.81 8.72 -15.77
N PRO A 73 -27.97 8.06 -15.80
CA PRO A 73 -28.08 6.62 -16.04
C PRO A 73 -27.70 6.28 -17.47
N VAL A 74 -27.45 5.01 -17.74
CA VAL A 74 -27.05 4.57 -19.07
C VAL A 74 -27.87 3.38 -19.52
N SER A 75 -28.32 3.38 -20.78
CA SER A 75 -29.13 2.30 -21.31
C SER A 75 -28.30 1.25 -22.00
N ARG A 76 -27.35 1.69 -22.81
CA ARG A 76 -26.55 0.76 -23.57
C ARG A 76 -25.05 0.99 -23.52
N ILE A 77 -24.29 -0.11 -23.55
CA ILE A 77 -22.82 -0.08 -23.56
C ILE A 77 -22.43 -0.85 -24.81
N ILE A 78 -21.90 -0.13 -25.79
CA ILE A 78 -21.48 -0.78 -27.01
C ILE A 78 -19.97 -0.72 -27.16
N VAL A 79 -19.35 -1.89 -27.16
CA VAL A 79 -17.91 -1.96 -27.29
C VAL A 79 -17.46 -2.55 -28.62
N HIS A 80 -16.51 -1.91 -29.29
CA HIS A 80 -16.04 -2.49 -30.54
C HIS A 80 -15.67 -3.96 -30.29
N PRO A 81 -16.26 -4.89 -31.07
CA PRO A 81 -16.04 -6.34 -30.97
C PRO A 81 -14.61 -6.82 -31.10
N GLN A 82 -13.79 -6.09 -31.85
CA GLN A 82 -12.41 -6.48 -32.03
C GLN A 82 -11.54 -6.02 -30.85
N PHE A 83 -12.17 -5.59 -29.75
CA PHE A 83 -11.36 -5.14 -28.62
C PHE A 83 -11.05 -6.16 -27.51
N TYR A 84 -9.78 -6.27 -27.17
CA TYR A 84 -9.39 -7.15 -26.07
C TYR A 84 -8.42 -6.36 -25.16
N THR A 85 -7.36 -5.77 -25.71
CA THR A 85 -6.45 -4.92 -24.92
C THR A 85 -6.14 -3.73 -25.79
N ALA A 86 -5.69 -2.65 -25.18
CA ALA A 86 -5.39 -1.43 -25.90
C ALA A 86 -4.19 -1.53 -26.83
N GLN A 87 -3.23 -2.42 -26.51
CA GLN A 87 -2.04 -2.58 -27.34
C GLN A 87 -2.43 -3.25 -28.67
N ILE A 88 -3.47 -4.07 -28.63
CA ILE A 88 -3.98 -4.75 -29.80
C ILE A 88 -4.77 -3.76 -30.65
N GLY A 89 -5.57 -2.92 -30.01
CA GLY A 89 -6.30 -1.92 -30.79
C GLY A 89 -7.81 -1.92 -30.62
N ALA A 90 -8.49 -1.05 -31.36
CA ALA A 90 -9.95 -0.95 -31.26
C ALA A 90 -10.38 -0.48 -29.87
N ASP A 91 -9.55 0.32 -29.22
CA ASP A 91 -9.91 0.83 -27.91
C ASP A 91 -10.91 1.99 -28.10
N ILE A 92 -12.17 1.64 -28.34
CA ILE A 92 -13.24 2.62 -28.56
C ILE A 92 -14.57 1.98 -28.14
N ALA A 93 -15.41 2.76 -27.47
CA ALA A 93 -16.72 2.25 -27.04
C ALA A 93 -17.78 3.37 -27.10
N LEU A 94 -19.05 3.00 -27.01
CA LEU A 94 -20.18 3.93 -27.05
C LEU A 94 -21.12 3.73 -25.88
N LEU A 95 -21.56 4.83 -25.29
CA LEU A 95 -22.48 4.76 -24.15
C LEU A 95 -23.80 5.47 -24.52
N GLU A 96 -24.91 4.75 -24.39
CA GLU A 96 -26.21 5.32 -24.69
C GLU A 96 -26.90 5.78 -23.41
N LEU A 97 -27.04 7.09 -23.26
CA LEU A 97 -27.70 7.64 -22.08
C LEU A 97 -29.17 7.22 -22.07
N GLU A 98 -29.74 7.07 -20.88
CA GLU A 98 -31.14 6.68 -20.75
C GLU A 98 -32.06 7.66 -21.48
N GLU A 99 -31.61 8.91 -21.62
CA GLU A 99 -32.37 9.91 -22.35
C GLU A 99 -31.45 11.04 -22.78
N PRO A 100 -31.83 11.78 -23.83
CA PRO A 100 -31.05 12.90 -24.37
C PRO A 100 -30.81 14.07 -23.44
N VAL A 101 -29.61 14.60 -23.55
CA VAL A 101 -29.16 15.73 -22.76
C VAL A 101 -29.84 17.00 -23.26
N LYS A 102 -30.33 17.83 -22.35
CA LYS A 102 -30.95 19.10 -22.73
C LYS A 102 -29.78 20.01 -23.16
N VAL A 103 -29.19 19.71 -24.31
CA VAL A 103 -28.06 20.45 -24.87
C VAL A 103 -28.13 21.93 -24.60
N SER A 104 -27.07 22.48 -24.02
CA SER A 104 -27.02 23.91 -23.70
C SER A 104 -25.74 24.58 -24.20
N SER A 105 -25.65 25.89 -23.99
CA SER A 105 -24.49 26.65 -24.43
C SER A 105 -23.22 26.25 -23.68
N HIS A 106 -23.40 25.79 -22.44
CA HIS A 106 -22.26 25.38 -21.62
C HIS A 106 -21.86 23.92 -21.84
N VAL A 107 -22.85 23.06 -21.96
CA VAL A 107 -22.58 21.66 -22.18
C VAL A 107 -23.29 21.21 -23.46
N HIS A 108 -22.50 20.84 -24.47
CA HIS A 108 -23.03 20.38 -25.76
C HIS A 108 -22.05 19.43 -26.45
N THR A 109 -22.49 18.79 -27.53
CA THR A 109 -21.66 17.82 -28.24
C THR A 109 -20.43 18.35 -28.97
N VAL A 110 -19.49 17.45 -29.24
CA VAL A 110 -18.27 17.77 -29.99
C VAL A 110 -18.52 17.25 -31.38
N THR A 111 -17.77 17.76 -32.35
CA THR A 111 -17.91 17.37 -33.75
C THR A 111 -16.89 16.30 -34.18
N LEU A 112 -17.42 15.20 -34.73
CA LEU A 112 -16.57 14.12 -35.21
C LEU A 112 -15.98 14.54 -36.55
N PRO A 113 -14.74 14.13 -36.85
CA PRO A 113 -14.18 14.55 -38.13
C PRO A 113 -14.65 13.75 -39.36
N PRO A 114 -14.20 14.17 -40.55
CA PRO A 114 -14.58 13.47 -41.78
C PRO A 114 -13.62 12.29 -41.84
N ALA A 115 -13.93 11.27 -42.64
CA ALA A 115 -13.03 10.10 -42.74
C ALA A 115 -11.70 10.47 -43.42
N SER A 116 -11.73 11.55 -44.19
CA SER A 116 -10.54 12.00 -44.91
C SER A 116 -9.58 12.80 -44.02
N GLU A 117 -10.07 13.31 -42.89
CA GLU A 117 -9.23 14.12 -42.03
C GLU A 117 -8.01 13.40 -41.51
N THR A 118 -6.86 14.07 -41.57
CA THR A 118 -5.63 13.44 -41.14
C THR A 118 -5.00 13.98 -39.85
N PHE A 119 -5.23 15.25 -39.54
CA PHE A 119 -4.65 15.78 -38.30
C PHE A 119 -3.15 15.51 -38.29
N PRO A 120 -2.40 16.28 -39.07
CA PRO A 120 -0.95 16.17 -39.21
C PRO A 120 -0.20 17.00 -38.19
N PRO A 121 1.08 16.66 -37.96
CA PRO A 121 1.95 17.37 -37.02
C PRO A 121 1.73 18.87 -37.01
N GLY A 122 2.46 19.56 -36.11
CA GLY A 122 2.34 20.99 -36.02
C GLY A 122 0.93 21.52 -35.92
N MET A 123 -0.06 20.63 -35.83
CA MET A 123 -1.45 21.05 -35.70
C MET A 123 -1.72 21.53 -34.28
N PRO A 124 -2.79 22.31 -34.07
CA PRO A 124 -3.07 22.78 -32.72
C PRO A 124 -4.02 21.77 -32.08
N CYS A 125 -3.46 20.89 -31.25
CA CYS A 125 -4.28 19.88 -30.59
C CYS A 125 -4.19 19.97 -29.06
N TRP A 126 -5.29 19.57 -28.40
CA TRP A 126 -5.44 19.61 -26.95
C TRP A 126 -6.06 18.34 -26.34
N VAL A 127 -5.62 17.99 -25.14
CA VAL A 127 -6.22 16.86 -24.40
C VAL A 127 -6.71 17.36 -23.02
N THR A 128 -7.89 16.89 -22.61
CA THR A 128 -8.49 17.33 -21.36
C THR A 128 -8.98 16.20 -20.45
N GLY A 129 -8.85 16.40 -19.14
CA GLY A 129 -9.31 15.37 -18.23
C GLY A 129 -8.97 15.56 -16.79
N TRP A 130 -9.49 14.64 -15.98
CA TRP A 130 -9.28 14.64 -14.52
C TRP A 130 -8.32 13.53 -14.05
N GLY A 131 -7.46 13.07 -14.95
CA GLY A 131 -6.52 12.01 -14.60
C GLY A 131 -5.30 12.51 -13.84
N ASP A 132 -4.42 11.57 -13.48
CA ASP A 132 -3.19 11.86 -12.75
C ASP A 132 -2.36 12.94 -13.42
N VAL A 133 -1.69 13.74 -12.59
CA VAL A 133 -0.84 14.81 -13.07
C VAL A 133 0.58 14.34 -13.36
N ASP A 134 0.87 13.10 -12.98
CA ASP A 134 2.15 12.47 -13.24
C ASP A 134 2.07 10.98 -12.93
N ASN A 135 3.14 10.25 -13.23
CA ASN A 135 3.07 8.83 -12.94
C ASN A 135 2.90 8.69 -11.43
N ASP A 136 1.83 8.00 -11.04
CA ASP A 136 1.53 7.80 -9.64
C ASP A 136 1.42 9.12 -8.88
N GLU A 137 0.61 10.02 -9.41
CA GLU A 137 0.38 11.31 -8.78
C GLU A 137 -1.02 11.70 -9.21
N ARG A 138 -1.97 11.49 -8.30
CA ARG A 138 -3.37 11.78 -8.57
C ARG A 138 -3.63 13.27 -8.66
N LEU A 139 -4.66 13.65 -9.41
CA LEU A 139 -5.03 15.05 -9.52
C LEU A 139 -5.49 15.38 -8.08
N PRO A 140 -4.88 16.38 -7.46
CA PRO A 140 -5.30 16.71 -6.08
C PRO A 140 -6.70 17.33 -5.95
N PRO A 141 -7.26 17.25 -4.75
CA PRO A 141 -8.59 17.85 -4.59
C PRO A 141 -8.32 19.36 -4.73
N PRO A 142 -9.33 20.15 -5.13
CA PRO A 142 -10.72 19.78 -5.44
C PRO A 142 -10.97 19.24 -6.86
N PHE A 143 -9.95 18.64 -7.47
CA PHE A 143 -10.07 18.02 -8.81
C PHE A 143 -10.66 18.85 -9.96
N PRO A 144 -9.94 19.85 -10.43
CA PRO A 144 -10.48 20.65 -11.52
C PRO A 144 -10.15 20.06 -12.87
N LEU A 145 -11.07 20.19 -13.81
CA LEU A 145 -10.85 19.72 -15.18
C LEU A 145 -9.57 20.38 -15.68
N LYS A 146 -8.61 19.56 -16.13
CA LYS A 146 -7.35 20.08 -16.63
C LYS A 146 -7.27 19.99 -18.14
N GLN A 147 -6.37 20.78 -18.72
CA GLN A 147 -6.19 20.79 -20.17
C GLN A 147 -4.72 21.03 -20.50
N VAL A 148 -4.27 20.46 -21.62
CA VAL A 148 -2.88 20.65 -22.03
C VAL A 148 -2.74 20.58 -23.56
N LYS A 149 -1.99 21.51 -24.13
CA LYS A 149 -1.79 21.52 -25.58
C LYS A 149 -0.65 20.57 -25.91
N VAL A 150 -0.95 19.56 -26.73
CA VAL A 150 0.07 18.58 -27.10
C VAL A 150 0.39 18.54 -28.59
N PRO A 151 1.66 18.29 -28.91
CA PRO A 151 2.18 18.21 -30.28
C PRO A 151 1.98 16.82 -30.88
N ILE A 152 1.23 16.75 -31.99
CA ILE A 152 0.99 15.48 -32.66
C ILE A 152 2.28 15.02 -33.32
N MET A 153 2.45 13.70 -33.42
CA MET A 153 3.63 13.10 -34.03
C MET A 153 3.18 12.09 -35.08
N GLU A 154 3.88 12.01 -36.20
CA GLU A 154 3.51 11.07 -37.26
C GLU A 154 3.54 9.65 -36.69
N ASN A 155 2.63 8.79 -37.15
CA ASN A 155 2.59 7.42 -36.64
C ASN A 155 3.92 6.67 -36.77
N HIS A 156 4.66 6.88 -37.85
CA HIS A 156 5.90 6.15 -38.02
C HIS A 156 7.05 6.70 -37.19
N ILE A 157 7.11 8.02 -37.00
CA ILE A 157 8.16 8.61 -36.17
C ILE A 157 7.90 8.14 -34.72
N CYS A 158 6.63 7.99 -34.36
CA CYS A 158 6.23 7.58 -33.03
C CYS A 158 6.64 6.13 -32.80
N ASP A 159 6.31 5.28 -33.78
CA ASP A 159 6.68 3.87 -33.71
C ASP A 159 8.19 3.77 -33.52
N ALA A 160 8.95 4.59 -34.23
CA ALA A 160 10.40 4.54 -34.08
C ALA A 160 10.80 4.83 -32.64
N LYS A 161 10.25 5.90 -32.07
CA LYS A 161 10.58 6.27 -30.70
C LYS A 161 10.28 5.12 -29.74
N TYR A 162 9.16 4.46 -29.97
CA TYR A 162 8.76 3.36 -29.11
C TYR A 162 9.69 2.16 -29.19
N HIS A 163 10.51 2.09 -30.25
CA HIS A 163 11.43 0.96 -30.41
C HIS A 163 12.76 1.28 -29.73
N LEU A 164 13.00 2.56 -29.46
CA LEU A 164 14.21 2.95 -28.76
C LEU A 164 14.14 2.38 -27.33
N GLY A 165 15.15 1.60 -26.98
CA GLY A 165 15.23 1.01 -25.64
C GLY A 165 14.36 -0.23 -25.46
N ALA A 166 13.95 -0.83 -26.58
CA ALA A 166 13.10 -2.01 -26.52
C ALA A 166 13.66 -3.16 -27.34
N TYR A 167 13.23 -4.36 -27.02
CA TYR A 167 13.69 -5.55 -27.73
C TYR A 167 12.92 -5.78 -29.04
N THR A 168 11.65 -5.37 -29.06
CA THR A 168 10.77 -5.53 -30.22
C THR A 168 11.42 -5.17 -31.56
N GLY A 169 11.23 -6.04 -32.56
CA GLY A 169 11.80 -5.85 -33.89
C GLY A 169 11.40 -4.53 -34.54
N ASP A 170 12.33 -3.93 -35.27
CA ASP A 170 12.10 -2.66 -35.92
C ASP A 170 10.91 -2.73 -36.84
N ASP A 171 10.81 -3.86 -37.55
CA ASP A 171 9.74 -4.15 -38.51
C ASP A 171 8.43 -4.58 -37.85
N VAL A 172 8.40 -4.63 -36.52
CA VAL A 172 7.19 -5.01 -35.83
C VAL A 172 6.53 -3.75 -35.32
N ARG A 173 5.28 -3.56 -35.69
CA ARG A 173 4.55 -2.37 -35.34
C ARG A 173 4.03 -2.29 -33.92
N ILE A 174 4.45 -1.25 -33.19
CA ILE A 174 3.97 -1.04 -31.82
C ILE A 174 2.82 -0.05 -31.90
N VAL A 175 3.07 1.12 -32.49
CA VAL A 175 2.00 2.10 -32.67
C VAL A 175 1.21 1.67 -33.92
N ARG A 176 0.09 0.98 -33.74
CA ARG A 176 -0.73 0.47 -34.86
C ARG A 176 -1.44 1.53 -35.69
N ASP A 177 -1.97 1.10 -36.83
CA ASP A 177 -2.64 2.00 -37.78
C ASP A 177 -3.94 2.68 -37.35
N ASP A 178 -4.67 2.05 -36.46
CA ASP A 178 -5.89 2.66 -35.98
C ASP A 178 -5.55 3.51 -34.75
N MET A 179 -4.26 3.87 -34.59
CA MET A 179 -3.83 4.69 -33.44
C MET A 179 -3.22 6.02 -33.85
N LEU A 180 -3.09 6.92 -32.88
CA LEU A 180 -2.54 8.26 -33.08
C LEU A 180 -1.65 8.66 -31.90
N CYS A 181 -0.59 9.40 -32.20
CA CYS A 181 0.38 9.85 -31.20
C CYS A 181 0.42 11.35 -30.94
N ALA A 182 0.53 11.74 -29.67
CA ALA A 182 0.63 13.13 -29.28
C ALA A 182 1.23 13.23 -27.90
N GLY A 183 2.06 14.25 -27.71
CA GLY A 183 2.66 14.47 -26.42
C GLY A 183 4.15 14.34 -26.34
N ASN A 184 4.69 14.82 -25.23
CA ASN A 184 6.11 14.76 -25.01
C ASN A 184 6.37 14.59 -23.52
N THR A 185 7.63 14.69 -23.12
CA THR A 185 8.03 14.52 -21.73
C THR A 185 7.62 15.65 -20.79
N ARG A 186 6.85 16.59 -21.32
CA ARG A 186 6.38 17.76 -20.59
C ARG A 186 4.84 17.90 -20.63
N ARG A 187 4.21 17.27 -21.62
CA ARG A 187 2.75 17.35 -21.77
C ARG A 187 2.22 15.99 -22.17
N ASP A 188 1.24 15.48 -21.47
CA ASP A 188 0.73 14.16 -21.81
C ASP A 188 -0.52 13.86 -20.99
N SER A 189 -1.30 12.91 -21.49
CA SER A 189 -2.49 12.47 -20.79
C SER A 189 -1.98 11.39 -19.85
N CYS A 190 -2.82 10.91 -18.95
CA CYS A 190 -2.38 9.89 -18.01
C CYS A 190 -3.60 9.20 -17.51
N GLN A 191 -3.36 8.17 -16.69
CA GLN A 191 -4.41 7.38 -16.08
C GLN A 191 -5.42 8.30 -15.47
N GLY A 192 -6.69 8.01 -15.77
CA GLY A 192 -7.77 8.84 -15.28
C GLY A 192 -8.34 9.63 -16.44
N ASP A 193 -7.48 9.95 -17.41
CA ASP A 193 -7.88 10.68 -18.62
C ASP A 193 -8.36 9.75 -19.77
N SER A 194 -8.20 8.43 -19.60
CA SER A 194 -8.60 7.46 -20.62
C SER A 194 -10.05 7.66 -21.07
N GLY A 195 -10.32 7.50 -22.35
CA GLY A 195 -11.67 7.66 -22.86
C GLY A 195 -12.04 9.11 -23.16
N GLY A 196 -11.23 10.02 -22.63
CA GLY A 196 -11.43 11.45 -22.82
C GLY A 196 -11.08 11.89 -24.24
N PRO A 197 -11.33 13.16 -24.57
CA PRO A 197 -11.02 13.62 -25.92
C PRO A 197 -9.71 14.32 -26.21
N LEU A 198 -9.28 14.15 -27.45
CA LEU A 198 -8.12 14.79 -28.01
C LEU A 198 -8.85 15.51 -29.16
N VAL A 199 -8.87 16.85 -29.10
CA VAL A 199 -9.56 17.69 -30.10
C VAL A 199 -8.57 18.59 -30.84
N CYS A 200 -8.85 18.86 -32.10
CA CYS A 200 -7.97 19.71 -32.88
C CYS A 200 -8.81 20.72 -33.60
N LYS A 201 -8.37 21.98 -33.55
CA LYS A 201 -9.10 23.06 -34.23
C LYS A 201 -8.67 23.05 -35.68
N VAL A 202 -9.60 22.66 -36.54
CA VAL A 202 -9.33 22.59 -37.97
C VAL A 202 -10.17 23.66 -38.68
N ASN A 203 -9.49 24.56 -39.37
CA ASN A 203 -10.14 25.65 -40.09
C ASN A 203 -11.35 26.21 -39.33
N GLY A 204 -11.09 26.79 -38.18
CA GLY A 204 -12.16 27.36 -37.38
C GLY A 204 -13.12 26.40 -36.72
N THR A 205 -12.81 25.10 -36.70
CA THR A 205 -13.71 24.14 -36.05
C THR A 205 -13.00 23.06 -35.23
N TRP A 206 -13.54 22.81 -34.05
CA TRP A 206 -13.00 21.81 -33.13
C TRP A 206 -13.43 20.42 -33.59
N LEU A 207 -12.47 19.54 -33.86
CA LEU A 207 -12.77 18.17 -34.30
C LEU A 207 -12.09 17.15 -33.38
N GLN A 208 -12.83 16.10 -32.98
CA GLN A 208 -12.24 15.07 -32.12
C GLN A 208 -11.39 14.10 -32.93
N ALA A 209 -10.07 14.25 -32.79
CA ALA A 209 -9.06 13.44 -33.48
C ALA A 209 -8.85 12.07 -32.86
N GLY A 210 -9.07 11.96 -31.56
CA GLY A 210 -8.89 10.68 -30.92
C GLY A 210 -9.56 10.58 -29.57
N VAL A 211 -9.30 9.44 -28.93
CA VAL A 211 -9.80 9.15 -27.59
C VAL A 211 -8.60 8.55 -26.82
N VAL A 212 -8.33 9.11 -25.64
CA VAL A 212 -7.22 8.68 -24.80
C VAL A 212 -7.23 7.14 -24.68
N SER A 213 -6.10 6.51 -24.98
CA SER A 213 -6.04 5.03 -24.91
C SER A 213 -4.95 4.46 -24.01
N TRP A 214 -3.68 4.59 -24.41
CA TRP A 214 -2.58 4.03 -23.63
C TRP A 214 -1.23 4.68 -23.92
N GLY A 215 -0.17 4.00 -23.45
CA GLY A 215 1.22 4.43 -23.62
C GLY A 215 2.05 3.79 -22.50
N GLU A 216 3.35 4.04 -22.49
CA GLU A 216 4.22 3.49 -21.45
C GLU A 216 4.41 4.65 -20.46
N GLY A 217 3.67 4.60 -19.36
CA GLY A 217 3.76 5.67 -18.37
C GLY A 217 3.17 6.95 -18.95
N CYS A 218 3.52 8.07 -18.34
CA CYS A 218 3.03 9.36 -18.81
C CYS A 218 4.23 10.29 -18.85
N ALA A 219 4.32 11.05 -19.94
CA ALA A 219 5.39 11.99 -20.18
C ALA A 219 6.79 11.41 -19.98
N GLN A 220 6.95 10.13 -20.30
CA GLN A 220 8.25 9.49 -20.20
C GLN A 220 9.05 9.70 -21.50
N PRO A 221 10.39 9.69 -21.40
CA PRO A 221 11.25 9.88 -22.56
C PRO A 221 10.98 8.86 -23.66
N ASN A 222 10.82 9.37 -24.87
CA ASN A 222 10.56 8.55 -26.06
C ASN A 222 9.27 7.75 -25.99
N ARG A 223 8.26 8.24 -25.24
CA ARG A 223 7.01 7.51 -25.13
C ARG A 223 5.73 8.37 -25.21
N PRO A 224 5.46 8.94 -26.39
CA PRO A 224 4.28 9.78 -26.60
C PRO A 224 2.97 9.06 -26.25
N GLY A 225 1.98 9.81 -25.78
CA GLY A 225 0.69 9.22 -25.46
C GLY A 225 0.03 8.68 -26.72
N ILE A 226 -0.66 7.56 -26.60
CA ILE A 226 -1.33 6.95 -27.75
C ILE A 226 -2.86 7.02 -27.65
N TYR A 227 -3.46 7.45 -28.74
CA TYR A 227 -4.88 7.64 -28.84
C TYR A 227 -5.53 6.76 -29.91
N THR A 228 -6.79 6.47 -29.73
CA THR A 228 -7.51 5.69 -30.70
C THR A 228 -7.90 6.68 -31.80
N ARG A 229 -7.58 6.37 -33.05
CA ARG A 229 -7.90 7.24 -34.19
C ARG A 229 -9.38 7.17 -34.46
N VAL A 230 -10.05 8.32 -34.33
CA VAL A 230 -11.48 8.37 -34.56
C VAL A 230 -11.84 8.15 -36.04
N THR A 231 -11.04 8.69 -36.95
CA THR A 231 -11.31 8.51 -38.38
C THR A 231 -11.43 7.04 -38.74
N TYR A 232 -10.65 6.21 -38.06
CA TYR A 232 -10.65 4.78 -38.31
C TYR A 232 -11.96 4.12 -37.95
N TYR A 233 -12.61 4.58 -36.90
CA TYR A 233 -13.86 3.96 -36.49
C TYR A 233 -15.20 4.64 -36.76
N LEU A 234 -15.22 5.57 -37.72
CA LEU A 234 -16.47 6.28 -38.09
C LEU A 234 -17.65 5.34 -38.48
N ASP A 235 -17.44 4.42 -39.42
CA ASP A 235 -18.51 3.52 -39.86
C ASP A 235 -19.12 2.77 -38.71
N TRP A 236 -18.27 2.46 -37.74
CA TRP A 236 -18.77 1.73 -36.60
C TRP A 236 -19.62 2.65 -35.72
N ILE A 237 -19.10 3.86 -35.52
CA ILE A 237 -19.78 4.86 -34.73
C ILE A 237 -21.11 5.24 -35.38
N HIS A 238 -21.04 5.73 -36.62
CA HIS A 238 -22.25 6.11 -37.36
C HIS A 238 -23.29 5.01 -37.36
N HIS A 239 -22.82 3.77 -37.26
CA HIS A 239 -23.72 2.64 -37.24
C HIS A 239 -24.61 2.64 -36.00
N TYR A 240 -24.31 3.52 -35.06
CA TYR A 240 -25.09 3.59 -33.82
C TYR A 240 -25.59 5.00 -33.54
N VAL A 241 -24.70 5.97 -33.62
CA VAL A 241 -25.12 7.32 -33.37
C VAL A 241 -25.73 7.90 -34.61
N PRO A 242 -26.97 8.40 -34.49
CA PRO A 242 -27.68 9.00 -35.61
C PRO A 242 -26.86 10.06 -36.31
N LYS A 243 -26.63 9.95 -37.53
N ILE B 1 17.35 -4.94 13.15
CA ILE B 1 18.72 -4.60 13.58
C ILE B 1 19.34 -3.66 12.50
N VAL B 2 19.71 -2.45 12.92
CA VAL B 2 20.30 -1.51 11.97
C VAL B 2 21.80 -1.56 12.13
N GLY B 3 22.47 -1.79 11.00
CA GLY B 3 23.93 -1.90 10.96
C GLY B 3 24.33 -3.28 11.45
N GLY B 4 25.53 -3.41 12.00
CA GLY B 4 25.93 -4.71 12.49
C GLY B 4 26.10 -5.78 11.44
N GLN B 5 25.75 -7.02 11.75
CA GLN B 5 25.97 -8.11 10.81
C GLN B 5 25.21 -9.40 11.16
N GLU B 6 25.21 -10.36 10.24
CA GLU B 6 24.54 -11.63 10.48
C GLU B 6 25.32 -12.28 11.60
N ALA B 7 24.62 -12.94 12.51
CA ALA B 7 25.29 -13.54 13.65
C ALA B 7 25.83 -14.96 13.51
N PRO B 8 27.07 -15.19 13.99
CA PRO B 8 27.70 -16.51 13.95
C PRO B 8 26.77 -17.53 14.62
N ARG B 9 26.68 -18.70 14.03
CA ARG B 9 25.81 -19.77 14.51
C ARG B 9 25.96 -20.10 16.00
N SER B 10 27.15 -19.87 16.56
CA SER B 10 27.43 -20.16 17.96
C SER B 10 27.13 -19.02 18.93
N LYS B 11 26.76 -17.85 18.41
CA LYS B 11 26.47 -16.70 19.28
C LYS B 11 24.98 -16.59 19.54
N TRP B 12 24.65 -16.08 20.74
CA TRP B 12 23.28 -15.86 21.19
C TRP B 12 22.31 -17.05 21.23
N PRO B 13 22.67 -18.09 22.00
CA PRO B 13 21.90 -19.34 22.20
C PRO B 13 20.54 -19.14 22.89
N TRP B 14 20.32 -17.95 23.46
CA TRP B 14 19.07 -17.64 24.14
C TRP B 14 18.01 -16.93 23.29
N GLN B 15 18.38 -16.37 22.15
CA GLN B 15 17.43 -15.68 21.30
C GLN B 15 16.25 -16.52 20.85
N VAL B 16 15.04 -15.95 20.88
CA VAL B 16 13.90 -16.71 20.38
C VAL B 16 13.06 -15.77 19.55
N SER B 17 12.13 -16.34 18.78
CA SER B 17 11.27 -15.54 17.92
C SER B 17 9.82 -15.90 18.24
N LEU B 18 8.97 -14.89 18.33
CA LEU B 18 7.57 -15.15 18.61
C LEU B 18 6.79 -15.19 17.29
N ARG B 19 5.93 -16.19 17.16
CA ARG B 19 5.16 -16.40 15.94
C ARG B 19 3.67 -16.31 16.20
N VAL B 20 2.94 -15.60 15.33
CA VAL B 20 1.47 -15.47 15.43
C VAL B 20 0.84 -16.37 14.37
N HIS B 21 -0.32 -16.94 14.65
CA HIS B 21 -0.95 -17.78 13.64
C HIS B 21 -1.51 -16.98 12.46
N GLY B 22 -1.28 -17.45 11.25
CA GLY B 22 -1.80 -16.74 10.08
C GLY B 22 -1.61 -17.54 8.83
N PRO B 23 -1.50 -16.89 7.65
CA PRO B 23 -1.30 -17.62 6.40
C PRO B 23 -0.17 -18.61 6.67
N TYR B 24 0.74 -18.19 7.55
CA TYR B 24 1.86 -18.98 8.02
C TYR B 24 2.24 -18.46 9.43
N TRP B 25 3.21 -19.10 10.08
CA TRP B 25 3.61 -18.73 11.42
C TRP B 25 4.59 -17.57 11.41
N MET B 26 4.03 -16.37 11.28
CA MET B 26 4.81 -15.14 11.16
C MET B 26 5.50 -14.55 12.41
N HIS B 27 6.78 -14.23 12.25
CA HIS B 27 7.59 -13.60 13.29
C HIS B 27 7.07 -12.21 13.52
N PHE B 28 6.80 -11.85 14.79
CA PHE B 28 6.29 -10.51 15.13
C PHE B 28 7.10 -9.82 16.24
N CYS B 29 7.85 -10.61 17.00
CA CYS B 29 8.69 -10.07 18.09
C CYS B 29 9.79 -11.08 18.44
N GLY B 30 10.83 -10.58 19.08
CA GLY B 30 11.92 -11.42 19.55
C GLY B 30 11.63 -11.79 21.02
N GLY B 31 12.52 -12.59 21.62
CA GLY B 31 12.38 -13.02 23.00
C GLY B 31 13.71 -13.56 23.49
N SER B 32 13.79 -14.02 24.74
CA SER B 32 15.04 -14.57 25.26
C SER B 32 14.73 -15.62 26.33
N LEU B 33 15.32 -16.80 26.18
CA LEU B 33 15.11 -17.90 27.12
C LEU B 33 15.87 -17.60 28.38
N ILE B 34 15.17 -17.47 29.50
CA ILE B 34 15.83 -17.15 30.77
C ILE B 34 15.75 -18.28 31.78
N HIS B 35 15.00 -19.32 31.44
CA HIS B 35 14.83 -20.49 32.28
C HIS B 35 14.31 -21.53 31.30
N PRO B 36 14.77 -22.79 31.42
CA PRO B 36 14.30 -23.83 30.51
C PRO B 36 12.84 -23.73 30.08
N GLN B 37 12.01 -23.08 30.90
CA GLN B 37 10.58 -22.99 30.60
C GLN B 37 9.96 -21.58 30.49
N TRP B 38 10.78 -20.54 30.52
CA TRP B 38 10.25 -19.18 30.45
C TRP B 38 10.90 -18.28 29.40
N VAL B 39 10.08 -17.51 28.69
CA VAL B 39 10.64 -16.58 27.72
C VAL B 39 10.30 -15.17 28.20
N LEU B 40 11.32 -14.33 28.19
CA LEU B 40 11.19 -12.94 28.60
C LEU B 40 10.92 -12.12 27.32
N THR B 41 9.93 -11.25 27.32
CA THR B 41 9.68 -10.46 26.13
C THR B 41 9.15 -9.08 26.50
N ALA B 42 8.76 -8.29 25.50
CA ALA B 42 8.24 -6.97 25.78
C ALA B 42 6.73 -7.07 25.83
N ALA B 43 6.13 -6.42 26.83
CA ALA B 43 4.67 -6.43 26.94
C ALA B 43 3.95 -5.96 25.67
N HIS B 44 4.44 -4.90 25.02
CA HIS B 44 3.74 -4.40 23.82
C HIS B 44 3.64 -5.44 22.69
N CYS B 45 4.40 -6.51 22.85
CA CYS B 45 4.39 -7.56 21.85
C CYS B 45 3.15 -8.40 22.07
N VAL B 46 2.68 -8.49 23.30
CA VAL B 46 1.53 -9.32 23.53
C VAL B 46 0.40 -8.61 24.23
N GLY B 47 0.54 -7.29 24.41
CA GLY B 47 -0.50 -6.53 25.08
C GLY B 47 -0.69 -5.14 24.51
N PRO B 48 -1.41 -4.25 25.24
CA PRO B 48 -2.01 -4.51 26.54
C PRO B 48 -3.26 -5.34 26.53
N ASP B 49 -3.81 -5.55 25.33
CA ASP B 49 -5.03 -6.33 25.20
C ASP B 49 -4.69 -7.82 25.18
N VAL B 50 -5.46 -8.60 25.95
CA VAL B 50 -5.20 -10.04 26.04
C VAL B 50 -5.56 -10.73 24.76
N LYS B 51 -4.64 -11.58 24.31
CA LYS B 51 -4.85 -12.36 23.09
C LYS B 51 -4.93 -13.86 23.40
N ASP B 52 -5.28 -14.65 22.40
CA ASP B 52 -5.44 -16.09 22.55
C ASP B 52 -4.16 -16.91 22.45
N LEU B 53 -3.89 -17.66 23.51
CA LEU B 53 -2.69 -18.51 23.56
C LEU B 53 -2.57 -19.35 22.30
N ALA B 54 -3.69 -19.85 21.83
CA ALA B 54 -3.69 -20.69 20.65
C ALA B 54 -3.07 -20.03 19.41
N ALA B 55 -3.10 -18.71 19.32
CA ALA B 55 -2.55 -18.04 18.16
C ALA B 55 -1.05 -17.79 18.29
N LEU B 56 -0.48 -18.21 19.40
CA LEU B 56 0.95 -17.99 19.64
C LEU B 56 1.88 -19.21 19.73
N ARG B 57 3.06 -19.11 19.12
CA ARG B 57 4.05 -20.20 19.15
C ARG B 57 5.42 -19.62 19.37
N VAL B 58 6.28 -20.41 20.00
CA VAL B 58 7.64 -19.95 20.23
C VAL B 58 8.68 -20.82 19.47
N GLN B 59 9.56 -20.16 18.72
CA GLN B 59 10.63 -20.80 17.94
C GLN B 59 11.96 -20.52 18.63
N LEU B 60 12.72 -21.57 18.91
CA LEU B 60 14.03 -21.43 19.57
C LEU B 60 15.08 -20.98 18.57
N ARG B 61 16.26 -20.64 19.08
CA ARG B 61 17.37 -20.17 18.26
C ARG B 61 17.45 -20.88 16.90
N GLU B 62 17.29 -20.10 15.85
CA GLU B 62 17.32 -20.55 14.47
C GLU B 62 18.30 -19.62 13.78
N GLN B 63 19.03 -20.10 12.78
CA GLN B 63 19.96 -19.20 12.08
C GLN B 63 19.19 -18.40 11.02
N HIS B 64 18.24 -19.06 10.37
CA HIS B 64 17.43 -18.44 9.35
C HIS B 64 15.96 -18.70 9.60
N LEU B 65 15.25 -17.60 9.85
CA LEU B 65 13.82 -17.62 10.13
C LEU B 65 13.04 -18.47 9.12
N TYR B 66 12.07 -19.22 9.62
CA TYR B 66 11.22 -20.07 8.81
C TYR B 66 11.91 -21.28 8.21
N TYR B 67 13.23 -21.19 8.03
CA TYR B 67 14.03 -22.27 7.48
C TYR B 67 13.71 -23.66 8.06
N GLN B 68 13.88 -23.86 9.36
CA GLN B 68 13.55 -25.14 9.95
C GLN B 68 12.83 -25.01 11.30
N ASP B 69 11.61 -24.48 11.24
CA ASP B 69 10.79 -24.25 12.42
C ASP B 69 10.47 -25.48 13.24
N GLN B 70 10.39 -25.25 14.55
CA GLN B 70 10.05 -26.27 15.54
C GLN B 70 9.30 -25.46 16.58
N LEU B 71 8.07 -25.04 16.21
CA LEU B 71 7.23 -24.22 17.09
C LEU B 71 6.85 -24.91 18.40
N LEU B 72 6.87 -24.12 19.48
CA LEU B 72 6.55 -24.60 20.82
C LEU B 72 5.33 -23.90 21.42
N PRO B 73 4.34 -24.68 21.90
CA PRO B 73 3.13 -24.10 22.50
C PRO B 73 3.44 -23.31 23.79
N VAL B 74 2.60 -22.33 24.12
CA VAL B 74 2.79 -21.52 25.32
C VAL B 74 1.64 -21.77 26.27
N SER B 75 1.94 -21.94 27.55
CA SER B 75 0.87 -22.20 28.52
C SER B 75 0.38 -20.94 29.24
N ARG B 76 1.26 -19.98 29.43
CA ARG B 76 0.88 -18.76 30.13
C ARG B 76 1.52 -17.52 29.54
N ILE B 77 0.76 -16.42 29.46
CA ILE B 77 1.27 -15.13 29.00
C ILE B 77 1.09 -14.23 30.22
N ILE B 78 2.17 -13.70 30.76
CA ILE B 78 2.08 -12.88 31.96
C ILE B 78 2.60 -11.46 31.75
N VAL B 79 1.69 -10.50 31.72
CA VAL B 79 2.08 -9.13 31.47
C VAL B 79 2.07 -8.26 32.71
N HIS B 80 3.13 -7.48 32.87
CA HIS B 80 3.21 -6.60 34.00
C HIS B 80 1.95 -5.70 33.99
N PRO B 81 1.22 -5.64 35.14
CA PRO B 81 -0.01 -4.87 35.35
C PRO B 81 0.17 -3.37 35.15
N GLN B 82 1.39 -2.87 35.35
CA GLN B 82 1.60 -1.45 35.14
C GLN B 82 1.75 -1.07 33.66
N PHE B 83 1.65 -2.03 32.74
CA PHE B 83 1.80 -1.73 31.30
C PHE B 83 0.56 -1.30 30.50
N TYR B 84 0.71 -0.25 29.70
CA TYR B 84 -0.36 0.16 28.78
C TYR B 84 0.28 0.60 27.45
N THR B 85 1.39 1.36 27.50
CA THR B 85 2.16 1.75 26.31
C THR B 85 3.64 1.81 26.67
N ALA B 86 4.50 1.70 25.66
CA ALA B 86 5.94 1.72 25.90
C ALA B 86 6.44 3.09 26.38
N GLN B 87 5.75 4.15 26.01
CA GLN B 87 6.18 5.47 26.43
C GLN B 87 5.90 5.63 27.91
N ILE B 88 4.83 4.99 28.37
CA ILE B 88 4.48 5.05 29.78
C ILE B 88 5.41 4.10 30.55
N GLY B 89 5.84 2.99 29.94
CA GLY B 89 6.75 2.06 30.62
C GLY B 89 6.15 0.72 31.08
N ALA B 90 6.92 -0.03 31.88
CA ALA B 90 6.53 -1.36 32.38
C ALA B 90 6.32 -2.30 31.18
N ASP B 91 7.10 -2.06 30.13
CA ASP B 91 7.02 -2.85 28.90
C ASP B 91 7.81 -4.15 29.05
N ILE B 92 7.23 -5.09 29.77
CA ILE B 92 7.88 -6.36 30.03
C ILE B 92 6.84 -7.46 30.21
N ALA B 93 7.16 -8.67 29.73
CA ALA B 93 6.25 -9.83 29.86
C ALA B 93 6.99 -11.14 29.94
N LEU B 94 6.25 -12.16 30.34
CA LEU B 94 6.82 -13.48 30.47
C LEU B 94 5.94 -14.49 29.78
N LEU B 95 6.54 -15.42 29.06
CA LEU B 95 5.78 -16.49 28.39
C LEU B 95 6.15 -17.84 29.00
N GLU B 96 5.16 -18.57 29.49
CA GLU B 96 5.43 -19.87 30.06
C GLU B 96 5.23 -20.92 28.99
N LEU B 97 6.29 -21.67 28.68
CA LEU B 97 6.23 -22.74 27.67
C LEU B 97 5.53 -23.94 28.27
N GLU B 98 4.71 -24.59 27.46
CA GLU B 98 4.00 -25.77 27.93
C GLU B 98 5.01 -26.78 28.43
N GLU B 99 6.19 -26.75 27.86
CA GLU B 99 7.21 -27.68 28.26
C GLU B 99 8.58 -27.04 28.39
N PRO B 100 9.37 -27.50 29.37
CA PRO B 100 10.72 -26.98 29.60
C PRO B 100 11.66 -27.44 28.49
N VAL B 101 12.38 -26.50 27.92
CA VAL B 101 13.32 -26.76 26.83
C VAL B 101 14.51 -27.61 27.27
N LYS B 102 14.95 -28.51 26.38
CA LYS B 102 16.12 -29.34 26.68
C LYS B 102 17.31 -28.45 26.33
N VAL B 103 17.96 -27.89 27.34
CA VAL B 103 19.08 -27.01 27.06
C VAL B 103 20.24 -27.80 26.51
N SER B 104 20.94 -27.21 25.54
CA SER B 104 22.09 -27.83 24.90
C SER B 104 23.17 -26.76 24.82
N SER B 105 24.15 -26.97 23.97
CA SER B 105 25.21 -25.98 23.83
C SER B 105 24.75 -24.91 22.85
N HIS B 106 23.93 -25.32 21.88
CA HIS B 106 23.41 -24.43 20.85
C HIS B 106 22.23 -23.61 21.35
N VAL B 107 21.52 -24.11 22.36
CA VAL B 107 20.41 -23.37 22.90
C VAL B 107 20.29 -23.44 24.42
N HIS B 108 20.48 -22.30 25.09
CA HIS B 108 20.33 -22.25 26.55
C HIS B 108 19.90 -20.87 27.06
N THR B 109 19.72 -20.77 28.38
CA THR B 109 19.29 -19.54 28.99
C THR B 109 20.32 -18.41 29.01
N VAL B 110 19.86 -17.19 29.18
CA VAL B 110 20.79 -16.07 29.29
C VAL B 110 20.67 -15.72 30.76
N THR B 111 21.74 -15.20 31.32
CA THR B 111 21.76 -14.85 32.73
C THR B 111 21.09 -13.52 32.99
N LEU B 112 20.31 -13.44 34.07
CA LEU B 112 19.69 -12.18 34.45
C LEU B 112 20.72 -11.40 35.30
N PRO B 113 20.70 -10.06 35.26
CA PRO B 113 21.67 -9.32 36.07
C PRO B 113 21.27 -9.12 37.53
N PRO B 114 22.24 -8.79 38.39
CA PRO B 114 21.99 -8.56 39.81
C PRO B 114 21.38 -7.15 39.90
N ALA B 115 20.48 -6.94 40.86
CA ALA B 115 19.80 -5.66 41.02
C ALA B 115 20.71 -4.44 41.01
N SER B 116 21.97 -4.63 41.38
CA SER B 116 22.89 -3.50 41.41
C SER B 116 23.55 -3.12 40.09
N GLU B 117 23.57 -4.03 39.12
CA GLU B 117 24.21 -3.75 37.84
C GLU B 117 23.61 -2.58 37.06
N THR B 118 24.38 -1.50 36.93
CA THR B 118 23.91 -0.34 36.21
C THR B 118 24.21 -0.29 34.71
N PHE B 119 25.23 -1.02 34.27
CA PHE B 119 25.62 -1.01 32.86
C PHE B 119 25.90 0.44 32.41
N PRO B 120 27.02 1.02 32.87
CA PRO B 120 27.34 2.41 32.50
C PRO B 120 27.90 2.50 31.07
N PRO B 121 28.00 3.72 30.53
CA PRO B 121 28.51 3.99 29.20
C PRO B 121 29.91 3.39 29.09
N GLY B 122 30.17 2.63 28.03
CA GLY B 122 31.49 2.03 27.86
C GLY B 122 31.53 0.51 27.98
N MET B 123 30.37 -0.05 28.29
CA MET B 123 30.21 -1.48 28.44
C MET B 123 29.95 -2.12 27.06
N PRO B 124 30.55 -3.28 26.77
CA PRO B 124 30.30 -3.90 25.46
C PRO B 124 28.95 -4.65 25.45
N CYS B 125 28.00 -4.14 24.68
CA CYS B 125 26.68 -4.77 24.61
C CYS B 125 26.20 -4.98 23.17
N TRP B 126 25.44 -6.05 22.96
CA TRP B 126 24.90 -6.34 21.63
C TRP B 126 23.37 -6.57 21.65
N VAL B 127 22.70 -6.05 20.63
CA VAL B 127 21.25 -6.26 20.49
C VAL B 127 21.12 -7.26 19.37
N THR B 128 20.30 -8.28 19.52
CA THR B 128 20.17 -9.25 18.44
C THR B 128 18.72 -9.38 17.96
N GLY B 129 18.53 -9.83 16.71
CA GLY B 129 17.16 -10.03 16.24
C GLY B 129 16.98 -10.14 14.73
N TRP B 130 15.72 -10.27 14.30
CA TRP B 130 15.33 -10.41 12.91
C TRP B 130 14.42 -9.25 12.46
N GLY B 131 14.59 -8.07 13.07
CA GLY B 131 13.75 -6.94 12.70
C GLY B 131 14.25 -6.19 11.47
N ASP B 132 13.60 -5.07 11.16
CA ASP B 132 14.00 -4.25 10.02
C ASP B 132 15.44 -3.74 10.08
N VAL B 133 16.09 -3.73 8.92
CA VAL B 133 17.46 -3.24 8.79
C VAL B 133 17.49 -1.70 8.69
N ASP B 134 16.33 -1.07 8.73
CA ASP B 134 16.21 0.38 8.74
C ASP B 134 14.75 0.80 8.78
N ASN B 135 14.50 2.07 9.06
CA ASN B 135 13.12 2.53 9.10
C ASN B 135 12.41 2.06 7.83
N ASP B 136 11.33 1.31 8.03
CA ASP B 136 10.56 0.77 6.93
C ASP B 136 11.43 0.00 5.90
N GLU B 137 12.35 -0.83 6.38
CA GLU B 137 13.21 -1.63 5.50
C GLU B 137 13.30 -3.03 6.10
N ARG B 138 12.46 -3.96 5.65
CA ARG B 138 12.45 -5.31 6.20
C ARG B 138 13.75 -6.09 6.08
N LEU B 139 13.91 -7.07 6.98
CA LEU B 139 15.06 -7.96 6.96
C LEU B 139 14.78 -8.82 5.73
N PRO B 140 15.64 -8.74 4.72
CA PRO B 140 15.41 -9.53 3.51
C PRO B 140 15.64 -11.00 3.69
N PRO B 141 14.98 -11.83 2.88
CA PRO B 141 15.17 -13.28 3.00
C PRO B 141 16.63 -13.62 2.62
N PRO B 142 17.16 -14.77 3.08
CA PRO B 142 16.55 -15.81 3.92
C PRO B 142 16.39 -15.47 5.40
N PHE B 143 16.21 -14.19 5.71
CA PHE B 143 15.97 -13.76 7.09
C PHE B 143 16.94 -14.26 8.16
N PRO B 144 18.22 -13.89 8.05
CA PRO B 144 19.23 -14.30 9.04
C PRO B 144 19.19 -13.47 10.34
N LEU B 145 19.60 -14.09 11.45
CA LEU B 145 19.65 -13.43 12.75
C LEU B 145 20.77 -12.41 12.70
N LYS B 146 20.46 -11.16 13.02
CA LYS B 146 21.47 -10.10 12.96
C LYS B 146 21.93 -9.70 14.34
N GLN B 147 23.10 -9.08 14.41
CA GLN B 147 23.67 -8.59 15.66
C GLN B 147 24.31 -7.25 15.38
N VAL B 148 24.35 -6.38 16.36
CA VAL B 148 24.97 -5.08 16.21
C VAL B 148 25.37 -4.56 17.58
N LYS B 149 26.62 -4.11 17.70
CA LYS B 149 27.13 -3.61 18.97
C LYS B 149 26.64 -2.18 19.19
N VAL B 150 26.11 -1.90 20.39
CA VAL B 150 25.62 -0.54 20.64
C VAL B 150 26.15 0.16 21.88
N PRO B 151 26.50 1.44 21.74
CA PRO B 151 27.00 2.17 22.90
C PRO B 151 25.85 2.54 23.84
N ILE B 152 26.04 2.31 25.13
CA ILE B 152 25.02 2.62 26.12
C ILE B 152 25.15 4.08 26.47
N MET B 153 24.07 4.68 26.92
CA MET B 153 24.10 6.08 27.26
C MET B 153 23.29 6.23 28.53
N GLU B 154 23.82 6.99 29.49
CA GLU B 154 23.13 7.22 30.75
C GLU B 154 21.73 7.83 30.52
N ASN B 155 20.75 7.36 31.30
CA ASN B 155 19.35 7.75 31.24
C ASN B 155 19.05 9.24 31.19
N HIS B 156 19.72 9.99 32.05
CA HIS B 156 19.52 11.42 32.13
C HIS B 156 19.93 12.12 30.83
N ILE B 157 21.05 11.72 30.25
CA ILE B 157 21.52 12.30 29.00
C ILE B 157 20.59 11.89 27.86
N CYS B 158 20.24 10.61 27.82
CA CYS B 158 19.33 10.12 26.79
C CYS B 158 17.99 10.88 26.85
N ASP B 159 17.47 11.06 28.06
CA ASP B 159 16.22 11.78 28.23
C ASP B 159 16.34 13.17 27.63
N ALA B 160 17.39 13.91 28.00
CA ALA B 160 17.59 15.27 27.49
C ALA B 160 17.78 15.28 25.96
N LYS B 161 18.43 14.24 25.43
CA LYS B 161 18.66 14.13 24.00
C LYS B 161 17.31 14.11 23.31
N TYR B 162 16.37 13.35 23.88
CA TYR B 162 15.03 13.27 23.33
C TYR B 162 14.27 14.62 23.39
N HIS B 163 14.74 15.62 24.15
CA HIS B 163 14.06 16.92 24.19
C HIS B 163 14.60 17.83 23.08
N LEU B 164 15.76 17.46 22.56
CA LEU B 164 16.37 18.21 21.47
C LEU B 164 15.39 18.11 20.26
N GLY B 165 15.00 19.26 19.73
CA GLY B 165 14.09 19.27 18.61
C GLY B 165 12.66 18.95 19.01
N ALA B 166 12.34 19.11 20.29
CA ALA B 166 10.98 18.82 20.71
C ALA B 166 10.37 19.93 21.55
N TYR B 167 9.06 19.97 21.55
CA TYR B 167 8.33 20.94 22.32
C TYR B 167 8.20 20.47 23.81
N THR B 168 8.39 19.19 24.09
CA THR B 168 8.28 18.74 25.48
C THR B 168 9.12 19.51 26.51
N GLY B 169 8.52 19.85 27.63
CA GLY B 169 9.25 20.59 28.65
C GLY B 169 10.51 19.87 29.10
N ASP B 170 11.60 20.62 29.24
CA ASP B 170 12.87 20.06 29.65
C ASP B 170 12.79 19.30 30.97
N ASP B 171 11.83 19.69 31.81
CA ASP B 171 11.63 19.07 33.11
C ASP B 171 10.59 17.91 33.07
N VAL B 172 10.08 17.58 31.88
CA VAL B 172 9.12 16.49 31.75
C VAL B 172 9.92 15.30 31.30
N ARG B 173 9.85 14.20 32.05
CA ARG B 173 10.63 13.03 31.70
C ARG B 173 10.02 12.29 30.52
N ILE B 174 10.85 12.05 29.51
CA ILE B 174 10.45 11.32 28.32
C ILE B 174 10.94 9.87 28.43
N VAL B 175 12.23 9.71 28.74
CA VAL B 175 12.87 8.40 28.92
C VAL B 175 12.82 8.18 30.44
N ARG B 176 12.18 7.11 30.90
CA ARG B 176 12.05 6.94 32.34
C ARG B 176 13.03 6.02 33.08
N ASP B 177 12.94 6.03 34.40
CA ASP B 177 13.83 5.27 35.25
C ASP B 177 13.79 3.77 35.00
N ASP B 178 12.65 3.25 34.58
CA ASP B 178 12.60 1.84 34.29
C ASP B 178 13.05 1.51 32.85
N MET B 179 13.73 2.45 32.19
CA MET B 179 14.21 2.23 30.82
C MET B 179 15.72 2.41 30.73
N LEU B 180 16.31 1.95 29.62
CA LEU B 180 17.77 2.06 29.42
C LEU B 180 17.99 2.38 27.94
N CYS B 181 18.90 3.30 27.66
CA CYS B 181 19.17 3.70 26.28
C CYS B 181 20.47 3.22 25.71
N ALA B 182 20.47 2.94 24.42
CA ALA B 182 21.67 2.49 23.71
C ALA B 182 21.48 2.67 22.18
N GLY B 183 22.60 2.81 21.47
CA GLY B 183 22.55 2.98 20.01
C GLY B 183 22.92 4.37 19.51
N ASN B 184 23.06 4.49 18.19
CA ASN B 184 23.39 5.78 17.58
C ASN B 184 22.70 5.84 16.20
N THR B 185 23.07 6.83 15.39
CA THR B 185 22.48 6.97 14.06
C THR B 185 22.91 5.90 13.05
N ARG B 186 23.77 4.96 13.47
CA ARG B 186 24.19 3.90 12.56
C ARG B 186 24.12 2.45 13.12
N ARG B 187 23.76 2.30 14.38
CA ARG B 187 23.66 0.95 14.97
C ARG B 187 22.47 0.98 15.94
N ASP B 188 21.44 0.18 15.69
CA ASP B 188 20.24 0.23 16.54
C ASP B 188 19.36 -0.97 16.32
N SER B 189 18.35 -1.09 17.19
CA SER B 189 17.37 -2.15 17.09
C SER B 189 16.26 -1.46 16.30
N CYS B 190 15.29 -2.21 15.82
CA CYS B 190 14.23 -1.58 15.04
C CYS B 190 12.98 -2.44 15.06
N GLN B 191 11.94 -2.02 14.35
CA GLN B 191 10.69 -2.79 14.33
C GLN B 191 10.88 -4.27 14.00
N GLY B 192 10.36 -5.10 14.88
CA GLY B 192 10.47 -6.53 14.70
C GLY B 192 11.55 -7.08 15.63
N ASP B 193 12.42 -6.20 16.12
CA ASP B 193 13.46 -6.59 17.06
C ASP B 193 12.87 -6.56 18.48
N SER B 194 11.78 -5.80 18.65
CA SER B 194 11.05 -5.61 19.92
C SER B 194 10.92 -6.88 20.76
N GLY B 195 11.04 -6.74 22.08
CA GLY B 195 10.94 -7.89 22.96
C GLY B 195 12.21 -8.74 23.03
N GLY B 196 13.16 -8.52 22.13
CA GLY B 196 14.39 -9.28 22.14
C GLY B 196 15.41 -8.80 23.20
N PRO B 197 16.59 -9.40 23.21
CA PRO B 197 17.61 -9.03 24.19
C PRO B 197 18.75 -8.07 23.83
N LEU B 198 19.19 -7.33 24.84
CA LEU B 198 20.34 -6.42 24.77
C LEU B 198 21.22 -7.03 25.85
N VAL B 199 22.33 -7.63 25.45
CA VAL B 199 23.27 -8.27 26.39
C VAL B 199 24.62 -7.58 26.46
N CYS B 200 25.15 -7.44 27.67
CA CYS B 200 26.46 -6.81 27.87
C CYS B 200 27.33 -7.85 28.56
N LYS B 201 28.60 -7.93 28.17
CA LYS B 201 29.49 -8.87 28.82
C LYS B 201 30.04 -8.17 30.05
N VAL B 202 29.67 -8.68 31.22
CA VAL B 202 30.12 -8.09 32.47
C VAL B 202 31.02 -9.05 33.23
N ASN B 203 32.30 -8.68 33.33
CA ASN B 203 33.26 -9.48 34.04
C ASN B 203 33.09 -10.96 33.75
N GLY B 204 33.25 -11.34 32.49
CA GLY B 204 33.14 -12.74 32.10
C GLY B 204 31.77 -13.32 31.76
N THR B 205 30.69 -12.58 32.00
CA THR B 205 29.39 -13.15 31.71
C THR B 205 28.47 -12.21 30.94
N TRP B 206 27.76 -12.80 29.97
CA TRP B 206 26.79 -12.04 29.17
C TRP B 206 25.54 -11.97 30.06
N LEU B 207 25.12 -10.75 30.38
CA LEU B 207 23.92 -10.54 31.21
C LEU B 207 22.89 -9.76 30.40
N GLN B 208 21.61 -10.06 30.57
CA GLN B 208 20.60 -9.31 29.84
C GLN B 208 20.32 -8.02 30.59
N ALA B 209 20.79 -6.91 30.03
CA ALA B 209 20.59 -5.62 30.64
C ALA B 209 19.26 -4.99 30.22
N GLY B 210 18.77 -5.31 29.02
CA GLY B 210 17.50 -4.73 28.60
C GLY B 210 16.62 -5.50 27.63
N VAL B 211 15.35 -5.08 27.54
CA VAL B 211 14.39 -5.66 26.60
C VAL B 211 14.12 -4.59 25.54
N VAL B 212 14.32 -4.92 24.25
CA VAL B 212 14.07 -3.96 23.17
C VAL B 212 12.63 -3.46 23.34
N SER B 213 12.42 -2.14 23.41
CA SER B 213 11.07 -1.62 23.65
C SER B 213 10.51 -0.58 22.68
N TRP B 214 11.21 0.53 22.48
CA TRP B 214 10.71 1.57 21.58
C TRP B 214 11.77 2.64 21.27
N GLY B 215 11.34 3.74 20.67
CA GLY B 215 12.22 4.85 20.35
C GLY B 215 11.52 5.66 19.28
N GLU B 216 12.17 6.71 18.78
CA GLU B 216 11.59 7.52 17.70
C GLU B 216 12.35 7.05 16.48
N GLY B 217 11.72 6.22 15.66
CA GLY B 217 12.39 5.65 14.50
C GLY B 217 13.52 4.72 14.91
N CYS B 218 14.47 4.57 13.99
CA CYS B 218 15.64 3.70 14.20
C CYS B 218 16.85 4.42 13.66
N ALA B 219 17.90 4.58 14.48
CA ALA B 219 19.13 5.25 14.07
C ALA B 219 18.85 6.67 13.59
N GLN B 220 17.97 7.35 14.31
CA GLN B 220 17.57 8.71 14.02
C GLN B 220 18.41 9.64 14.89
N PRO B 221 18.83 10.80 14.34
CA PRO B 221 19.66 11.69 15.17
C PRO B 221 19.01 12.04 16.51
N ASN B 222 19.83 12.03 17.57
CA ASN B 222 19.36 12.35 18.92
C ASN B 222 18.22 11.48 19.43
N ARG B 223 18.07 10.26 18.88
CA ARG B 223 17.03 9.31 19.29
C ARG B 223 17.47 7.85 19.45
N PRO B 224 18.41 7.58 20.38
CA PRO B 224 18.87 6.19 20.59
C PRO B 224 17.70 5.28 20.94
N GLY B 225 17.88 3.98 20.70
CA GLY B 225 16.83 3.02 21.01
C GLY B 225 16.61 2.90 22.52
N ILE B 226 15.36 2.76 22.93
CA ILE B 226 15.01 2.65 24.35
C ILE B 226 14.63 1.22 24.73
N TYR B 227 15.22 0.72 25.81
CA TYR B 227 15.01 -0.64 26.29
C TYR B 227 14.41 -0.70 27.70
N THR B 228 13.63 -1.72 28.00
CA THR B 228 13.12 -1.85 29.36
C THR B 228 14.33 -2.32 30.20
N ARG B 229 14.62 -1.63 31.32
CA ARG B 229 15.73 -1.96 32.22
C ARG B 229 15.43 -3.21 33.04
N VAL B 230 16.04 -4.33 32.67
CA VAL B 230 15.75 -5.60 33.33
C VAL B 230 15.91 -5.57 34.87
N THR B 231 16.93 -4.91 35.42
CA THR B 231 17.11 -4.86 36.88
C THR B 231 15.87 -4.33 37.62
N TYR B 232 15.24 -3.32 37.03
CA TYR B 232 14.05 -2.69 37.61
C TYR B 232 12.92 -3.65 37.89
N TYR B 233 12.79 -4.65 37.04
CA TYR B 233 11.71 -5.63 37.15
C TYR B 233 12.09 -7.02 37.68
N LEU B 234 13.31 -7.13 38.21
CA LEU B 234 13.79 -8.39 38.77
C LEU B 234 12.80 -8.94 39.83
N ASP B 235 12.31 -8.08 40.70
CA ASP B 235 11.34 -8.48 41.72
C ASP B 235 10.12 -9.07 41.04
N TRP B 236 9.57 -8.35 40.08
CA TRP B 236 8.41 -8.86 39.37
C TRP B 236 8.72 -10.20 38.68
N ILE B 237 9.86 -10.30 38.01
CA ILE B 237 10.20 -11.55 37.30
C ILE B 237 10.24 -12.77 38.24
N HIS B 238 11.01 -12.66 39.32
CA HIS B 238 11.14 -13.75 40.27
C HIS B 238 9.83 -14.16 40.94
N HIS B 239 8.82 -13.32 40.87
CA HIS B 239 7.57 -13.73 41.48
C HIS B 239 6.97 -14.86 40.69
N TYR B 240 7.46 -15.09 39.46
CA TYR B 240 6.96 -16.19 38.60
C TYR B 240 8.04 -17.19 38.15
N VAL B 241 9.17 -16.67 37.69
CA VAL B 241 10.27 -17.49 37.23
C VAL B 241 11.09 -17.94 38.43
N PRO B 242 11.30 -19.26 38.56
CA PRO B 242 12.07 -19.83 39.66
C PRO B 242 13.50 -19.33 39.66
N LYS B 243 14.12 -19.30 40.74
N ILE C 1 1.71 -20.86 -8.06
CA ILE C 1 0.99 -22.15 -8.06
C ILE C 1 -0.26 -22.15 -7.16
N VAL C 2 -1.42 -22.33 -7.77
CA VAL C 2 -2.71 -22.38 -7.07
C VAL C 2 -3.07 -23.85 -6.90
N GLY C 3 -3.45 -24.25 -5.69
CA GLY C 3 -3.74 -25.64 -5.46
C GLY C 3 -2.42 -26.41 -5.44
N GLY C 4 -2.46 -27.71 -5.71
CA GLY C 4 -1.23 -28.51 -5.71
C GLY C 4 -0.51 -28.55 -4.37
N GLN C 5 0.79 -28.87 -4.38
CA GLN C 5 1.55 -28.93 -3.13
C GLN C 5 3.02 -28.77 -3.39
N GLU C 6 3.84 -28.88 -2.33
CA GLU C 6 5.27 -28.74 -2.52
C GLU C 6 5.80 -29.92 -3.31
N ALA C 7 6.80 -29.66 -4.12
CA ALA C 7 7.41 -30.70 -4.94
C ALA C 7 8.40 -31.56 -4.16
N PRO C 8 8.34 -32.88 -4.38
CA PRO C 8 9.31 -33.68 -3.64
C PRO C 8 10.67 -33.22 -4.17
N ARG C 9 11.73 -33.46 -3.42
CA ARG C 9 13.06 -33.05 -3.85
C ARG C 9 13.55 -33.61 -5.19
N SER C 10 13.20 -34.84 -5.49
CA SER C 10 13.65 -35.48 -6.72
C SER C 10 13.06 -34.94 -8.02
N LYS C 11 11.87 -34.35 -7.94
CA LYS C 11 11.21 -33.86 -9.13
C LYS C 11 11.59 -32.47 -9.64
N TRP C 12 11.39 -32.30 -10.94
CA TRP C 12 11.65 -31.04 -11.65
C TRP C 12 13.08 -30.51 -11.58
N PRO C 13 14.05 -31.28 -12.10
CA PRO C 13 15.48 -30.92 -12.12
C PRO C 13 15.78 -29.70 -12.98
N TRP C 14 14.91 -29.45 -13.96
CA TRP C 14 15.09 -28.35 -14.91
C TRP C 14 14.55 -26.97 -14.46
N GLN C 15 13.76 -26.94 -13.40
CA GLN C 15 13.20 -25.68 -12.91
C GLN C 15 14.26 -24.68 -12.47
N VAL C 16 14.06 -23.39 -12.74
CA VAL C 16 15.02 -22.37 -12.30
C VAL C 16 14.33 -21.11 -11.79
N SER C 17 15.05 -20.29 -11.04
CA SER C 17 14.49 -19.06 -10.52
C SER C 17 15.23 -17.87 -11.10
N LEU C 18 14.53 -16.87 -11.62
CA LEU C 18 15.22 -15.69 -12.16
C LEU C 18 15.24 -14.62 -11.06
N ARG C 19 16.41 -14.04 -10.81
CA ARG C 19 16.57 -13.02 -9.77
C ARG C 19 16.96 -11.60 -10.26
N VAL C 20 16.33 -10.58 -9.67
CA VAL C 20 16.65 -9.19 -10.03
C VAL C 20 17.43 -8.55 -8.89
N HIS C 21 18.33 -7.62 -9.20
CA HIS C 21 19.08 -7.02 -8.11
C HIS C 21 18.35 -5.89 -7.38
N GLY C 22 18.38 -5.95 -6.06
CA GLY C 22 17.75 -4.93 -5.24
C GLY C 22 18.30 -5.10 -3.85
N PRO C 23 17.51 -4.85 -2.80
CA PRO C 23 18.03 -5.03 -1.44
C PRO C 23 18.59 -6.45 -1.33
N TYR C 24 18.03 -7.36 -2.10
CA TYR C 24 18.50 -8.74 -2.17
C TYR C 24 18.17 -9.29 -3.58
N TRP C 25 18.76 -10.41 -3.96
CA TRP C 25 18.47 -10.97 -5.28
C TRP C 25 17.08 -11.56 -5.25
N MET C 26 16.11 -10.72 -5.57
CA MET C 26 14.69 -11.01 -5.56
C MET C 26 14.15 -11.87 -6.73
N HIS C 27 13.41 -12.93 -6.43
CA HIS C 27 12.82 -13.79 -7.46
C HIS C 27 11.74 -13.02 -8.18
N PHE C 28 11.74 -13.04 -9.52
CA PHE C 28 10.67 -12.35 -10.25
C PHE C 28 9.92 -13.22 -11.30
N CYS C 29 10.50 -14.36 -11.67
CA CYS C 29 9.89 -15.25 -12.66
C CYS C 29 10.55 -16.62 -12.65
N GLY C 30 9.85 -17.62 -13.18
CA GLY C 30 10.40 -18.95 -13.23
C GLY C 30 11.15 -19.10 -14.55
N GLY C 31 11.67 -20.30 -14.82
CA GLY C 31 12.39 -20.54 -16.06
C GLY C 31 12.74 -22.01 -16.13
N SER C 32 13.24 -22.48 -17.28
CA SER C 32 13.65 -23.87 -17.35
C SER C 32 14.97 -24.06 -18.10
N LEU C 33 15.77 -25.00 -17.61
CA LEU C 33 17.06 -25.29 -18.20
C LEU C 33 16.84 -26.23 -19.38
N ILE C 34 17.10 -25.77 -20.59
CA ILE C 34 16.87 -26.58 -21.80
C ILE C 34 18.16 -27.03 -22.45
N HIS C 35 19.26 -26.44 -21.97
CA HIS C 35 20.60 -26.77 -22.43
C HIS C 35 21.55 -26.48 -21.24
N PRO C 36 22.63 -27.25 -21.09
CA PRO C 36 23.51 -26.94 -19.96
C PRO C 36 23.86 -25.46 -19.86
N GLN C 37 23.78 -24.75 -20.98
CA GLN C 37 24.10 -23.33 -20.97
C GLN C 37 22.94 -22.44 -21.42
N TRP C 38 21.71 -22.96 -21.45
CA TRP C 38 20.57 -22.12 -21.84
C TRP C 38 19.31 -22.31 -21.00
N VAL C 39 18.67 -21.20 -20.66
CA VAL C 39 17.41 -21.23 -19.89
C VAL C 39 16.25 -20.70 -20.76
N LEU C 40 15.11 -21.38 -20.71
CA LEU C 40 13.92 -21.00 -21.46
C LEU C 40 13.08 -20.20 -20.46
N THR C 41 12.45 -19.11 -20.92
CA THR C 41 11.59 -18.26 -20.08
C THR C 41 10.61 -17.43 -20.96
N ALA C 42 9.75 -16.66 -20.31
CA ALA C 42 8.77 -15.83 -21.01
C ALA C 42 9.41 -14.48 -21.31
N ALA C 43 9.13 -13.92 -22.49
CA ALA C 43 9.71 -12.64 -22.82
C ALA C 43 9.19 -11.49 -21.92
N HIS C 44 7.96 -11.59 -21.39
CA HIS C 44 7.45 -10.50 -20.54
C HIS C 44 8.16 -10.42 -19.20
N CYS C 45 8.94 -11.45 -18.88
CA CYS C 45 9.67 -11.45 -17.62
C CYS C 45 10.86 -10.52 -17.75
N VAL C 46 11.41 -10.43 -18.97
CA VAL C 46 12.58 -9.64 -19.27
C VAL C 46 12.45 -8.69 -20.46
N GLY C 47 11.24 -8.24 -20.76
CA GLY C 47 11.05 -7.37 -21.90
C GLY C 47 9.68 -6.76 -21.78
N PRO C 48 9.22 -5.94 -22.73
CA PRO C 48 9.87 -5.49 -23.98
C PRO C 48 11.05 -4.55 -23.89
N ASP C 49 11.15 -3.82 -22.80
CA ASP C 49 12.27 -2.90 -22.76
C ASP C 49 13.54 -3.64 -22.34
N VAL C 50 14.66 -3.24 -22.92
CA VAL C 50 15.92 -3.91 -22.66
C VAL C 50 16.41 -3.74 -21.24
N LYS C 51 16.77 -4.87 -20.64
CA LYS C 51 17.24 -4.90 -19.26
C LYS C 51 18.78 -4.92 -19.09
N ASP C 52 19.23 -4.47 -17.92
CA ASP C 52 20.65 -4.42 -17.57
C ASP C 52 21.11 -5.81 -17.15
N LEU C 53 22.01 -6.41 -17.92
CA LEU C 53 22.45 -7.75 -17.58
C LEU C 53 23.10 -7.87 -16.22
N ALA C 54 23.82 -6.85 -15.78
CA ALA C 54 24.48 -6.93 -14.48
C ALA C 54 23.43 -7.04 -13.38
N ALA C 55 22.21 -6.62 -13.68
CA ALA C 55 21.12 -6.67 -12.70
C ALA C 55 20.38 -8.02 -12.62
N LEU C 56 20.76 -8.97 -13.50
CA LEU C 56 20.10 -10.27 -13.56
C LEU C 56 20.94 -11.47 -13.11
N ARG C 57 20.32 -12.38 -12.38
CA ARG C 57 21.00 -13.59 -11.90
C ARG C 57 20.07 -14.80 -12.08
N VAL C 58 20.64 -15.98 -12.35
CA VAL C 58 19.85 -17.23 -12.51
C VAL C 58 20.13 -18.16 -11.33
N GLN C 59 19.11 -18.82 -10.82
CA GLN C 59 19.32 -19.74 -9.70
C GLN C 59 18.77 -21.09 -10.11
N LEU C 60 19.61 -22.11 -10.13
CA LEU C 60 19.14 -23.45 -10.50
C LEU C 60 18.21 -23.98 -9.42
N ARG C 61 17.68 -25.18 -9.65
CA ARG C 61 16.73 -25.83 -8.74
C ARG C 61 17.02 -25.70 -7.25
N GLU C 62 16.01 -25.26 -6.51
CA GLU C 62 16.08 -25.00 -5.07
C GLU C 62 14.81 -25.50 -4.39
N GLN C 63 14.95 -26.21 -3.28
CA GLN C 63 13.74 -26.69 -2.63
C GLN C 63 13.05 -25.47 -2.01
N HIS C 64 13.86 -24.61 -1.38
CA HIS C 64 13.34 -23.42 -0.74
C HIS C 64 13.98 -22.16 -1.28
N LEU C 65 13.19 -21.24 -1.83
CA LEU C 65 13.78 -20.01 -2.39
C LEU C 65 14.65 -19.24 -1.36
N TYR C 66 15.81 -18.78 -1.82
CA TYR C 66 16.73 -17.99 -0.98
C TYR C 66 17.49 -18.71 0.09
N TYR C 67 17.14 -19.94 0.41
CA TYR C 67 17.86 -20.56 1.50
C TYR C 67 19.26 -21.12 1.20
N GLN C 68 19.52 -21.47 -0.05
CA GLN C 68 20.83 -21.98 -0.42
C GLN C 68 21.20 -21.52 -1.83
N ASP C 69 21.09 -20.22 -2.05
CA ASP C 69 21.37 -19.62 -3.34
C ASP C 69 22.76 -19.89 -3.88
N GLN C 70 22.88 -19.78 -5.20
CA GLN C 70 24.13 -19.97 -5.91
C GLN C 70 23.89 -19.33 -7.25
N LEU C 71 23.77 -18.01 -7.24
CA LEU C 71 23.50 -17.24 -8.45
C LEU C 71 24.52 -17.31 -9.60
N LEU C 72 24.02 -17.56 -10.79
CA LEU C 72 24.86 -17.65 -11.96
C LEU C 72 24.55 -16.42 -12.84
N PRO C 73 25.61 -15.75 -13.36
CA PRO C 73 25.50 -14.57 -14.24
C PRO C 73 25.04 -14.99 -15.62
N VAL C 74 24.40 -14.06 -16.33
CA VAL C 74 23.92 -14.28 -17.69
C VAL C 74 24.80 -13.45 -18.64
N SER C 75 25.12 -13.99 -19.79
CA SER C 75 25.94 -13.29 -20.76
C SER C 75 25.11 -12.74 -21.90
N ARG C 76 23.91 -13.30 -22.11
CA ARG C 76 23.06 -12.83 -23.20
C ARG C 76 21.58 -12.98 -22.94
N ILE C 77 20.79 -12.00 -23.37
CA ILE C 77 19.34 -12.08 -23.22
C ILE C 77 18.70 -11.93 -24.60
N ILE C 78 18.07 -12.99 -25.08
CA ILE C 78 17.41 -13.02 -26.39
C ILE C 78 15.88 -13.01 -26.32
N VAL C 79 15.28 -11.84 -26.54
CA VAL C 79 13.84 -11.74 -26.52
C VAL C 79 13.33 -11.90 -27.96
N HIS C 80 12.28 -12.69 -28.13
CA HIS C 80 11.74 -12.89 -29.46
C HIS C 80 11.34 -11.54 -30.00
N PRO C 81 11.83 -11.19 -31.19
CA PRO C 81 11.56 -9.90 -31.86
C PRO C 81 10.09 -9.56 -32.06
N GLN C 82 9.25 -10.58 -32.00
CA GLN C 82 7.84 -10.36 -32.17
C GLN C 82 7.17 -10.01 -30.84
N PHE C 83 7.93 -9.96 -29.75
CA PHE C 83 7.26 -9.66 -28.48
C PHE C 83 7.10 -8.22 -28.09
N TYR C 84 5.89 -7.91 -27.62
CA TYR C 84 5.55 -6.60 -27.07
C TYR C 84 4.67 -6.82 -25.82
N THR C 85 3.59 -7.58 -25.95
CA THR C 85 2.77 -7.93 -24.77
C THR C 85 2.36 -9.40 -24.88
N ALA C 86 1.97 -9.99 -23.76
CA ALA C 86 1.59 -11.39 -23.73
C ALA C 86 0.27 -11.68 -24.40
N GLN C 87 -0.55 -10.66 -24.62
CA GLN C 87 -1.83 -10.89 -25.28
C GLN C 87 -1.61 -10.87 -26.77
N ILE C 88 -0.60 -10.15 -27.22
CA ILE C 88 -0.31 -10.12 -28.62
C ILE C 88 0.39 -11.41 -29.05
N GLY C 89 1.25 -11.94 -28.19
CA GLY C 89 1.93 -13.17 -28.51
C GLY C 89 3.45 -13.20 -28.43
N ALA C 90 4.04 -14.31 -28.87
CA ALA C 90 5.50 -14.48 -28.89
C ALA C 90 6.16 -14.27 -27.51
N ASP C 91 5.45 -14.64 -26.46
CA ASP C 91 5.93 -14.49 -25.08
C ASP C 91 6.96 -15.55 -24.74
N ILE C 92 8.14 -15.46 -25.34
CA ILE C 92 9.21 -16.43 -25.15
C ILE C 92 10.61 -15.76 -25.17
N ALA C 93 11.54 -16.24 -24.36
CA ALA C 93 12.88 -15.67 -24.34
C ALA C 93 13.95 -16.68 -23.92
N LEU C 94 15.20 -16.33 -24.22
CA LEU C 94 16.32 -17.18 -23.89
C LEU C 94 17.36 -16.43 -23.13
N LEU C 95 17.93 -17.07 -22.13
CA LEU C 95 18.99 -16.45 -21.35
C LEU C 95 20.17 -17.37 -21.57
N GLU C 96 21.32 -16.80 -21.87
CA GLU C 96 22.50 -17.64 -22.05
C GLU C 96 23.35 -17.44 -20.82
N LEU C 97 23.58 -18.53 -20.09
CA LEU C 97 24.39 -18.47 -18.88
C LEU C 97 25.84 -18.24 -19.25
N GLU C 98 26.56 -17.53 -18.39
CA GLU C 98 27.97 -17.24 -18.68
C GLU C 98 28.80 -18.51 -18.83
N GLU C 99 28.47 -19.54 -18.07
CA GLU C 99 29.17 -20.82 -18.14
C GLU C 99 28.19 -21.99 -18.22
N PRO C 100 28.58 -23.06 -18.91
CA PRO C 100 27.75 -24.27 -19.07
C PRO C 100 27.53 -24.85 -17.70
N VAL C 101 26.32 -25.37 -17.44
CA VAL C 101 26.00 -25.97 -16.15
C VAL C 101 26.58 -27.39 -16.02
N LYS C 102 27.00 -27.75 -14.80
CA LYS C 102 27.55 -29.08 -14.51
C LYS C 102 26.32 -29.94 -14.23
N VAL C 103 25.78 -30.53 -15.28
CA VAL C 103 24.55 -31.33 -15.20
C VAL C 103 24.59 -32.62 -14.41
N SER C 104 23.51 -32.88 -13.66
CA SER C 104 23.43 -34.07 -12.84
C SER C 104 22.01 -34.61 -12.65
N SER C 105 21.86 -35.40 -11.60
CA SER C 105 20.61 -36.04 -11.22
C SER C 105 19.66 -35.07 -10.51
N HIS C 106 20.24 -34.25 -9.65
CA HIS C 106 19.48 -33.27 -8.91
C HIS C 106 19.06 -32.12 -9.80
N VAL C 107 19.83 -31.85 -10.85
CA VAL C 107 19.57 -30.74 -11.75
C VAL C 107 20.12 -30.92 -13.19
N HIS C 108 19.21 -31.11 -14.15
CA HIS C 108 19.58 -31.27 -15.57
C HIS C 108 18.48 -30.76 -16.53
N THR C 109 18.71 -30.85 -17.83
CA THR C 109 17.77 -30.33 -18.79
C THR C 109 16.38 -30.97 -18.90
N VAL C 110 15.49 -30.28 -19.59
CA VAL C 110 14.14 -30.75 -19.83
C VAL C 110 14.06 -30.94 -21.34
N THR C 111 13.22 -31.85 -21.78
CA THR C 111 13.11 -32.14 -23.19
C THR C 111 12.05 -31.32 -23.92
N LEU C 112 12.46 -30.73 -25.04
CA LEU C 112 11.57 -29.94 -25.89
C LEU C 112 10.82 -30.87 -26.85
N PRO C 113 9.55 -30.57 -27.14
CA PRO C 113 8.77 -31.42 -28.04
C PRO C 113 9.09 -31.35 -29.52
N PRO C 114 8.83 -32.44 -30.25
CA PRO C 114 9.07 -32.53 -31.69
C PRO C 114 8.12 -31.53 -32.37
N ALA C 115 8.48 -31.07 -33.56
CA ALA C 115 7.68 -30.05 -34.27
C ALA C 115 6.17 -30.28 -34.39
N SER C 116 5.74 -31.53 -34.29
CA SER C 116 4.33 -31.83 -34.45
C SER C 116 3.54 -32.24 -33.23
N GLU C 117 4.19 -32.32 -32.08
CA GLU C 117 3.47 -32.74 -30.89
C GLU C 117 2.19 -31.95 -30.68
N THR C 118 1.13 -32.61 -30.20
CA THR C 118 -0.11 -31.87 -30.00
C THR C 118 -0.64 -31.77 -28.58
N PHE C 119 -0.49 -32.82 -27.78
CA PHE C 119 -0.99 -32.74 -26.41
C PHE C 119 -2.50 -32.57 -26.49
N PRO C 120 -3.27 -33.68 -26.48
CA PRO C 120 -4.73 -33.71 -26.56
C PRO C 120 -5.53 -33.29 -25.32
N PRO C 121 -6.82 -32.91 -25.53
CA PRO C 121 -7.78 -32.48 -24.51
C PRO C 121 -7.83 -33.31 -23.24
N GLY C 122 -7.21 -32.79 -22.19
CA GLY C 122 -7.22 -33.48 -20.92
C GLY C 122 -6.07 -34.44 -20.79
N MET C 123 -4.90 -33.92 -20.45
CA MET C 123 -3.73 -34.76 -20.31
C MET C 123 -3.04 -34.52 -18.99
N PRO C 124 -2.30 -35.53 -18.50
CA PRO C 124 -1.59 -35.33 -17.23
C PRO C 124 -0.40 -34.39 -17.47
N CYS C 125 -0.64 -33.10 -17.25
CA CYS C 125 0.42 -32.12 -17.41
C CYS C 125 0.60 -31.44 -16.05
N TRP C 126 1.79 -30.96 -15.80
CA TRP C 126 2.15 -30.31 -14.55
C TRP C 126 2.82 -28.95 -14.81
N VAL C 127 2.58 -28.00 -13.92
CA VAL C 127 3.19 -26.67 -14.01
C VAL C 127 3.80 -26.49 -12.63
N THR C 128 4.96 -25.83 -12.57
CA THR C 128 5.65 -25.65 -11.30
C THR C 128 6.27 -24.26 -11.13
N GLY C 129 6.53 -23.88 -9.88
CA GLY C 129 7.11 -22.58 -9.63
C GLY C 129 6.95 -22.07 -8.21
N TRP C 130 7.53 -20.90 -7.95
CA TRP C 130 7.49 -20.27 -6.63
C TRP C 130 6.54 -19.06 -6.58
N GLY C 131 5.50 -19.07 -7.40
CA GLY C 131 4.56 -17.95 -7.46
C GLY C 131 3.45 -17.90 -6.41
N ASP C 132 2.52 -16.97 -6.62
CA ASP C 132 1.40 -16.77 -5.73
C ASP C 132 0.51 -18.00 -5.65
N VAL C 133 0.04 -18.31 -4.43
CA VAL C 133 -0.84 -19.46 -4.23
C VAL C 133 -2.28 -19.08 -4.55
N ASP C 134 -2.50 -17.80 -4.83
CA ASP C 134 -3.81 -17.32 -5.22
C ASP C 134 -3.75 -15.85 -5.57
N ASN C 135 -4.80 -15.33 -6.19
CA ASN C 135 -4.85 -13.92 -6.56
C ASN C 135 -4.51 -13.05 -5.36
N ASP C 136 -3.45 -12.25 -5.47
CA ASP C 136 -3.05 -11.36 -4.37
C ASP C 136 -2.60 -12.08 -3.11
N GLU C 137 -2.26 -13.36 -3.25
CA GLU C 137 -1.81 -14.15 -2.12
C GLU C 137 -0.43 -14.69 -2.44
N ARG C 138 0.56 -14.29 -1.67
CA ARG C 138 1.91 -14.72 -1.92
C ARG C 138 2.26 -16.10 -1.39
N LEU C 139 3.35 -16.64 -1.91
CA LEU C 139 3.88 -17.92 -1.46
C LEU C 139 4.51 -17.53 -0.13
N PRO C 140 4.05 -18.11 0.99
CA PRO C 140 4.67 -17.72 2.26
C PRO C 140 6.02 -18.39 2.39
N PRO C 141 6.86 -17.91 3.32
CA PRO C 141 8.17 -18.56 3.47
C PRO C 141 7.95 -19.89 4.21
N PRO C 142 8.92 -20.79 4.14
CA PRO C 142 10.21 -20.67 3.45
C PRO C 142 10.20 -20.85 1.92
N PHE C 143 9.14 -20.42 1.26
CA PHE C 143 9.07 -20.47 -0.20
C PHE C 143 9.47 -21.78 -0.89
N PRO C 144 8.78 -22.88 -0.59
CA PRO C 144 9.10 -24.18 -1.21
C PRO C 144 8.58 -24.26 -2.64
N LEU C 145 9.31 -24.94 -3.51
CA LEU C 145 8.85 -25.08 -4.90
C LEU C 145 7.52 -25.88 -4.93
N LYS C 146 6.47 -25.30 -5.51
CA LYS C 146 5.17 -25.95 -5.58
C LYS C 146 4.97 -26.62 -6.95
N GLN C 147 4.07 -27.60 -6.98
CA GLN C 147 3.75 -28.29 -8.22
C GLN C 147 2.25 -28.51 -8.18
N VAL C 148 1.63 -28.58 -9.36
CA VAL C 148 0.20 -28.84 -9.43
C VAL C 148 -0.09 -29.43 -10.81
N LYS C 149 -0.92 -30.47 -10.85
CA LYS C 149 -1.29 -31.13 -12.10
C LYS C 149 -2.45 -30.38 -12.72
N VAL C 150 -2.38 -30.10 -14.02
CA VAL C 150 -3.44 -29.36 -14.70
C VAL C 150 -3.93 -29.92 -16.04
N PRO C 151 -5.24 -29.97 -16.23
CA PRO C 151 -5.81 -30.48 -17.49
C PRO C 151 -5.64 -29.55 -18.70
N ILE C 152 -5.28 -30.11 -19.85
CA ILE C 152 -5.12 -29.32 -21.04
C ILE C 152 -6.49 -29.03 -21.64
N MET C 153 -6.63 -27.89 -22.29
CA MET C 153 -7.90 -27.53 -22.91
C MET C 153 -7.55 -27.12 -24.30
N GLU C 154 -8.17 -27.77 -25.28
CA GLU C 154 -7.91 -27.47 -26.68
C GLU C 154 -8.17 -25.98 -26.87
N ASN C 155 -7.39 -25.38 -27.75
CA ASN C 155 -7.46 -23.97 -27.97
C ASN C 155 -8.80 -23.39 -28.35
N HIS C 156 -9.55 -24.08 -29.21
CA HIS C 156 -10.86 -23.60 -29.63
C HIS C 156 -11.79 -23.58 -28.45
N ILE C 157 -11.75 -24.64 -27.66
CA ILE C 157 -12.60 -24.73 -26.47
C ILE C 157 -12.22 -23.64 -25.46
N CYS C 158 -10.94 -23.35 -25.37
CA CYS C 158 -10.43 -22.33 -24.47
C CYS C 158 -10.80 -20.92 -24.92
N ASP C 159 -10.52 -20.63 -26.18
CA ASP C 159 -10.84 -19.35 -26.74
C ASP C 159 -12.32 -19.00 -26.51
N ALA C 160 -13.20 -19.99 -26.70
CA ALA C 160 -14.65 -19.77 -26.50
C ALA C 160 -14.92 -19.42 -25.05
N LYS C 161 -14.24 -20.13 -24.16
CA LYS C 161 -14.39 -19.87 -22.74
C LYS C 161 -13.95 -18.44 -22.38
N TYR C 162 -12.97 -17.90 -23.10
CA TYR C 162 -12.53 -16.55 -22.79
C TYR C 162 -13.51 -15.52 -23.31
N HIS C 163 -14.33 -15.93 -24.28
CA HIS C 163 -15.32 -15.04 -24.86
C HIS C 163 -16.59 -14.98 -23.96
N LEU C 164 -16.80 -16.00 -23.14
CA LEU C 164 -17.99 -16.01 -22.27
C LEU C 164 -17.99 -14.83 -21.33
N GLY C 165 -19.08 -14.07 -21.33
CA GLY C 165 -19.17 -12.93 -20.44
C GLY C 165 -18.23 -11.79 -20.81
N ALA C 166 -17.85 -11.75 -22.08
CA ALA C 166 -16.97 -10.69 -22.57
C ALA C 166 -17.52 -10.09 -23.87
N TYR C 167 -17.21 -8.82 -24.12
CA TYR C 167 -17.67 -8.09 -25.30
C TYR C 167 -17.03 -8.50 -26.61
N THR C 168 -15.75 -8.82 -26.52
CA THR C 168 -14.97 -9.23 -27.69
C THR C 168 -15.79 -10.16 -28.59
N GLY C 169 -15.68 -9.91 -29.89
CA GLY C 169 -16.38 -10.70 -30.88
C GLY C 169 -15.99 -12.17 -30.91
N ASP C 170 -16.97 -13.02 -31.17
CA ASP C 170 -16.76 -14.46 -31.21
C ASP C 170 -15.76 -14.87 -32.28
N ASP C 171 -15.68 -14.09 -33.35
CA ASP C 171 -14.75 -14.37 -34.45
C ASP C 171 -13.35 -13.78 -34.20
N VAL C 172 -13.22 -13.01 -33.12
CA VAL C 172 -11.91 -12.46 -32.80
C VAL C 172 -11.28 -13.33 -31.75
N ARG C 173 -10.19 -13.99 -32.10
CA ARG C 173 -9.60 -14.86 -31.10
C ARG C 173 -8.72 -14.14 -30.10
N ILE C 174 -8.86 -14.62 -28.88
CA ILE C 174 -8.15 -14.13 -27.74
C ILE C 174 -7.04 -15.14 -27.49
N VAL C 175 -7.37 -16.43 -27.42
CA VAL C 175 -6.37 -17.47 -27.22
C VAL C 175 -5.78 -17.70 -28.60
N ARG C 176 -4.53 -17.29 -28.82
CA ARG C 176 -3.89 -17.43 -30.13
C ARG C 176 -3.27 -18.78 -30.46
N ASP C 177 -2.87 -18.96 -31.72
CA ASP C 177 -2.32 -20.23 -32.19
C ASP C 177 -0.96 -20.60 -31.64
N ASP C 178 -0.25 -19.60 -31.17
CA ASP C 178 1.04 -19.83 -30.58
C ASP C 178 0.85 -19.84 -29.07
N MET C 179 -0.37 -20.12 -28.61
CA MET C 179 -0.65 -20.20 -27.18
C MET C 179 -1.26 -21.59 -26.91
N LEU C 180 -1.42 -21.92 -25.64
CA LEU C 180 -1.95 -23.22 -25.24
C LEU C 180 -2.64 -23.04 -23.89
N CYS C 181 -3.73 -23.76 -23.66
CA CYS C 181 -4.43 -23.63 -22.38
C CYS C 181 -4.31 -24.84 -21.48
N ALA C 182 -4.31 -24.56 -20.18
CA ALA C 182 -4.23 -25.60 -19.18
C ALA C 182 -4.79 -25.04 -17.88
N GLY C 183 -5.35 -25.91 -17.05
CA GLY C 183 -5.86 -25.45 -15.77
C GLY C 183 -7.36 -25.25 -15.67
N ASN C 184 -7.81 -25.01 -14.44
CA ASN C 184 -9.22 -24.79 -14.20
C ASN C 184 -9.38 -23.93 -12.97
N THR C 185 -10.56 -23.98 -12.42
CA THR C 185 -10.92 -23.18 -11.28
C THR C 185 -10.38 -23.60 -9.91
N ARG C 186 -9.51 -24.60 -9.87
CA ARG C 186 -8.94 -25.08 -8.62
C ARG C 186 -7.44 -25.35 -8.70
N ARG C 187 -6.94 -25.44 -9.93
CA ARG C 187 -5.53 -25.73 -10.20
C ARG C 187 -5.09 -24.78 -11.31
N ASP C 188 -4.00 -24.04 -11.10
CA ASP C 188 -3.56 -23.07 -12.08
C ASP C 188 -2.20 -22.50 -11.70
N SER C 189 -1.60 -21.76 -12.62
CA SER C 189 -0.32 -21.11 -12.35
C SER C 189 -0.71 -19.69 -11.98
N CYS C 190 0.25 -18.90 -11.52
CA CYS C 190 -0.06 -17.53 -11.14
C CYS C 190 1.16 -16.59 -11.21
N GLN C 191 0.95 -15.30 -10.97
CA GLN C 191 2.03 -14.32 -10.99
C GLN C 191 3.19 -14.89 -10.19
N GLY C 192 4.39 -14.72 -10.73
CA GLY C 192 5.56 -15.24 -10.04
C GLY C 192 6.00 -16.56 -10.67
N ASP C 193 5.04 -17.26 -11.28
CA ASP C 193 5.25 -18.54 -11.97
C ASP C 193 5.63 -18.32 -13.45
N SER C 194 5.23 -17.15 -13.99
CA SER C 194 5.53 -16.74 -15.36
C SER C 194 6.91 -17.22 -15.77
N GLY C 195 7.08 -17.62 -17.04
CA GLY C 195 8.40 -18.06 -17.49
C GLY C 195 8.75 -19.52 -17.18
N GLY C 196 8.08 -20.11 -16.17
CA GLY C 196 8.32 -21.50 -15.78
C GLY C 196 7.74 -22.54 -16.73
N PRO C 197 8.03 -23.84 -16.50
CA PRO C 197 7.52 -24.88 -17.39
C PRO C 197 6.20 -25.54 -17.08
N LEU C 198 5.59 -26.03 -18.15
CA LEU C 198 4.35 -26.80 -18.13
C LEU C 198 4.86 -28.09 -18.79
N VAL C 199 4.89 -29.18 -18.04
CA VAL C 199 5.38 -30.44 -18.59
C VAL C 199 4.30 -31.49 -18.69
N CYS C 200 4.33 -32.22 -19.81
CA CYS C 200 3.39 -33.30 -20.05
C CYS C 200 4.19 -34.58 -20.32
N LYS C 201 3.88 -35.64 -19.58
CA LYS C 201 4.58 -36.91 -19.76
C LYS C 201 4.03 -37.70 -20.96
N VAL C 202 4.82 -37.83 -22.03
CA VAL C 202 4.40 -38.58 -23.22
C VAL C 202 5.41 -39.68 -23.63
N ASN C 203 5.02 -40.94 -23.40
CA ASN C 203 5.85 -42.11 -23.70
C ASN C 203 7.08 -42.22 -22.79
N GLY C 204 6.88 -42.01 -21.50
CA GLY C 204 8.00 -42.08 -20.57
C GLY C 204 8.88 -40.84 -20.51
N THR C 205 8.84 -40.01 -21.56
CA THR C 205 9.65 -38.80 -21.60
C THR C 205 8.83 -37.53 -21.28
N TRP C 206 9.30 -36.76 -20.29
CA TRP C 206 8.61 -35.54 -19.91
C TRP C 206 8.94 -34.46 -20.93
N LEU C 207 7.91 -33.88 -21.54
CA LEU C 207 8.14 -32.83 -22.54
C LEU C 207 7.54 -31.50 -22.10
N GLN C 208 8.26 -30.41 -22.37
CA GLN C 208 7.73 -29.08 -22.02
C GLN C 208 6.78 -28.58 -23.11
N ALA C 209 5.50 -28.58 -22.80
CA ALA C 209 4.48 -28.13 -23.73
C ALA C 209 4.39 -26.60 -23.79
N GLY C 210 4.61 -25.95 -22.64
CA GLY C 210 4.53 -24.51 -22.64
C GLY C 210 5.32 -23.73 -21.61
N VAL C 211 5.24 -22.40 -21.74
CA VAL C 211 5.88 -21.48 -20.83
C VAL C 211 4.74 -20.70 -20.11
N VAL C 212 4.77 -20.66 -18.79
CA VAL C 212 3.71 -19.94 -18.06
C VAL C 212 3.72 -18.51 -18.61
N SER C 213 2.59 -18.03 -19.14
CA SER C 213 2.55 -16.69 -19.73
C SER C 213 1.50 -15.69 -19.22
N TRP C 214 0.21 -16.06 -19.24
CA TRP C 214 -0.78 -15.12 -18.79
C TRP C 214 -2.19 -15.68 -18.63
N GLY C 215 -3.12 -14.78 -18.36
CA GLY C 215 -4.51 -15.14 -18.17
C GLY C 215 -5.27 -14.02 -17.45
N GLU C 216 -6.55 -14.23 -17.22
CA GLU C 216 -7.33 -13.24 -16.49
C GLU C 216 -7.41 -13.81 -15.08
N GLY C 217 -6.61 -13.22 -14.19
CA GLY C 217 -6.56 -13.68 -12.82
C GLY C 217 -5.93 -15.05 -12.81
N CYS C 218 -6.15 -15.74 -11.68
CA CYS C 218 -5.62 -17.07 -11.47
C CYS C 218 -6.73 -17.97 -10.98
N ALA C 219 -6.96 -19.07 -11.70
CA ALA C 219 -8.01 -20.02 -11.33
C ALA C 219 -9.37 -19.36 -11.21
N GLN C 220 -9.70 -18.51 -12.17
CA GLN C 220 -10.99 -17.82 -12.24
C GLN C 220 -11.98 -18.56 -13.14
N PRO C 221 -13.27 -18.51 -12.79
CA PRO C 221 -14.30 -19.19 -13.58
C PRO C 221 -14.18 -18.81 -15.05
N ASN C 222 -14.29 -19.82 -15.91
CA ASN C 222 -14.20 -19.66 -17.35
C ASN C 222 -12.94 -18.99 -17.85
N ARG C 223 -11.86 -19.10 -17.09
CA ARG C 223 -10.59 -18.48 -17.50
C ARG C 223 -9.34 -19.32 -17.19
N PRO C 224 -9.08 -20.37 -17.98
CA PRO C 224 -7.90 -21.20 -17.76
C PRO C 224 -6.58 -20.49 -18.08
N GLY C 225 -5.49 -21.02 -17.51
CA GLY C 225 -4.18 -20.46 -17.74
C GLY C 225 -3.78 -20.56 -19.19
N ILE C 226 -3.04 -19.57 -19.66
CA ILE C 226 -2.59 -19.55 -21.02
C ILE C 226 -1.04 -19.62 -21.05
N TYR C 227 -0.50 -20.48 -21.91
CA TYR C 227 0.94 -20.67 -21.99
C TYR C 227 1.42 -20.47 -23.40
N THR C 228 2.69 -20.14 -23.55
CA THR C 228 3.24 -19.97 -24.87
C THR C 228 3.47 -21.38 -25.39
N ARG C 229 2.91 -21.67 -26.55
CA ARG C 229 3.07 -22.98 -27.16
C ARG C 229 4.52 -23.19 -27.60
N VAL C 230 5.25 -24.07 -26.93
CA VAL C 230 6.63 -24.30 -27.28
C VAL C 230 6.80 -24.73 -28.73
N THR C 231 6.09 -25.79 -29.16
CA THR C 231 6.22 -26.27 -30.53
C THR C 231 6.16 -25.16 -31.53
N TYR C 232 5.35 -24.14 -31.26
CA TYR C 232 5.26 -23.05 -32.20
C TYR C 232 6.55 -22.26 -32.38
N TYR C 233 7.43 -22.28 -31.37
CA TYR C 233 8.70 -21.52 -31.47
C TYR C 233 10.01 -22.35 -31.49
N LEU C 234 9.90 -23.64 -31.80
CA LEU C 234 11.06 -24.53 -31.85
C LEU C 234 12.16 -24.07 -32.80
N ASP C 235 11.79 -23.68 -34.01
CA ASP C 235 12.82 -23.25 -34.95
C ASP C 235 13.61 -22.06 -34.41
N TRP C 236 12.91 -21.06 -33.89
CA TRP C 236 13.57 -19.88 -33.32
C TRP C 236 14.55 -20.28 -32.19
N ILE C 237 14.09 -21.17 -31.31
CA ILE C 237 14.89 -21.66 -30.20
C ILE C 237 16.17 -22.36 -30.71
N HIS C 238 16.01 -23.30 -31.62
CA HIS C 238 17.16 -24.02 -32.14
C HIS C 238 18.09 -23.18 -32.98
N HIS C 239 17.70 -21.96 -33.29
CA HIS C 239 18.58 -21.12 -34.06
C HIS C 239 19.68 -20.65 -33.12
N TYR C 240 19.38 -20.69 -31.83
CA TYR C 240 20.33 -20.26 -30.81
C TYR C 240 20.88 -21.43 -30.00
N VAL C 241 20.02 -22.35 -29.65
CA VAL C 241 20.36 -23.47 -28.82
C VAL C 241 20.71 -24.76 -29.54
N PRO C 242 21.95 -25.24 -29.35
CA PRO C 242 22.42 -26.48 -29.97
C PRO C 242 21.47 -27.64 -29.69
N LYS C 243 21.36 -28.52 -30.54
N ILE D 1 -15.50 11.37 11.44
CA ILE D 1 -16.76 11.16 12.19
C ILE D 1 -17.41 9.84 11.79
N VAL D 2 -17.65 9.01 12.79
CA VAL D 2 -18.30 7.74 12.58
C VAL D 2 -19.74 7.93 12.96
N GLY D 3 -20.64 7.75 12.01
CA GLY D 3 -22.05 7.94 12.29
C GLY D 3 -22.43 9.37 12.02
N GLY D 4 -23.59 9.78 12.49
CA GLY D 4 -24.00 11.17 12.31
C GLY D 4 -24.52 11.55 10.92
N GLN D 5 -24.18 12.76 10.49
CA GLN D 5 -24.61 13.28 9.19
C GLN D 5 -23.82 14.52 8.81
N GLU D 6 -24.06 15.04 7.61
CA GLU D 6 -23.37 16.25 7.19
C GLU D 6 -23.95 17.42 7.96
N ALA D 7 -23.09 18.29 8.46
CA ALA D 7 -23.55 19.44 9.22
C ALA D 7 -24.25 20.43 8.30
N PRO D 8 -25.28 21.11 8.80
CA PRO D 8 -25.99 22.08 7.96
C PRO D 8 -25.02 23.24 7.80
N ARG D 9 -25.10 23.96 6.69
CA ARG D 9 -24.19 25.07 6.49
C ARG D 9 -24.21 26.05 7.64
N SER D 10 -25.29 26.03 8.42
CA SER D 10 -25.45 26.95 9.54
C SER D 10 -24.87 26.50 10.87
N LYS D 11 -24.36 25.28 10.96
CA LYS D 11 -23.80 24.81 12.22
C LYS D 11 -22.30 24.84 12.27
N TRP D 12 -21.80 24.92 13.48
CA TRP D 12 -20.35 24.89 13.80
C TRP D 12 -19.43 25.92 13.11
N PRO D 13 -19.72 27.22 13.29
CA PRO D 13 -18.95 28.32 12.71
C PRO D 13 -17.50 28.41 13.15
N TRP D 14 -17.17 27.79 14.28
CA TRP D 14 -15.82 27.83 14.82
C TRP D 14 -14.86 26.76 14.28
N GLN D 15 -15.39 25.79 13.55
CA GLN D 15 -14.56 24.70 13.03
C GLN D 15 -13.54 25.14 12.02
N VAL D 16 -12.31 24.62 12.15
CA VAL D 16 -11.27 24.91 11.17
C VAL D 16 -10.57 23.63 10.73
N SER D 17 -9.74 23.71 9.72
CA SER D 17 -9.00 22.55 9.25
C SER D 17 -7.51 22.91 9.17
N LEU D 18 -6.66 22.02 9.68
CA LEU D 18 -5.21 22.24 9.63
C LEU D 18 -4.70 21.58 8.34
N ARG D 19 -3.84 22.30 7.64
CA ARG D 19 -3.26 21.88 6.38
C ARG D 19 -1.75 21.85 6.38
N VAL D 20 -1.20 20.76 5.89
CA VAL D 20 0.25 20.65 5.79
C VAL D 20 0.66 20.75 4.34
N HIS D 21 1.79 21.39 4.09
CA HIS D 21 2.23 21.59 2.72
C HIS D 21 2.89 20.39 2.08
N GLY D 22 2.45 20.08 0.87
CA GLY D 22 3.01 18.96 0.12
C GLY D 22 2.46 18.97 -1.30
N PRO D 23 2.18 17.79 -1.85
CA PRO D 23 1.62 17.66 -3.21
C PRO D 23 0.54 18.73 -3.37
N TYR D 24 -0.17 18.99 -2.27
CA TYR D 24 -1.20 20.01 -2.21
C TYR D 24 -1.34 20.32 -0.74
N TRP D 25 -2.16 21.29 -0.37
CA TRP D 25 -2.31 21.65 1.04
C TRP D 25 -3.31 20.71 1.75
N MET D 26 -2.81 19.53 2.10
CA MET D 26 -3.62 18.49 2.72
C MET D 26 -4.06 18.67 4.18
N HIS D 27 -5.34 18.37 4.43
CA HIS D 27 -5.92 18.45 5.75
C HIS D 27 -5.36 17.30 6.59
N PHE D 28 -4.93 17.58 7.81
CA PHE D 28 -4.43 16.52 8.67
C PHE D 28 -5.08 16.48 10.08
N CYS D 29 -5.75 17.56 10.44
CA CYS D 29 -6.39 17.67 11.75
C CYS D 29 -7.40 18.80 11.77
N GLY D 30 -8.25 18.77 12.80
CA GLY D 30 -9.22 19.82 12.97
C GLY D 30 -8.78 20.78 14.08
N GLY D 31 -9.66 21.74 14.35
CA GLY D 31 -9.41 22.73 15.39
C GLY D 31 -10.62 23.63 15.51
N SER D 32 -10.52 24.61 16.40
CA SER D 32 -11.62 25.57 16.60
C SER D 32 -11.09 26.98 16.82
N LEU D 33 -11.87 27.96 16.38
CA LEU D 33 -11.49 29.36 16.56
C LEU D 33 -12.03 29.66 17.95
N ILE D 34 -11.17 30.06 18.88
CA ILE D 34 -11.65 30.34 20.23
C ILE D 34 -11.43 31.80 20.50
N HIS D 35 -10.86 32.48 19.51
CA HIS D 35 -10.58 33.90 19.56
C HIS D 35 -10.26 34.32 18.13
N PRO D 36 -10.67 35.54 17.72
CA PRO D 36 -10.43 36.04 16.37
C PRO D 36 -9.02 35.71 15.86
N GLN D 37 -8.07 35.56 16.78
CA GLN D 37 -6.68 35.26 16.42
C GLN D 37 -6.08 33.92 16.94
N TRP D 38 -6.89 33.08 17.56
CA TRP D 38 -6.35 31.81 18.07
C TRP D 38 -7.21 30.58 17.78
N VAL D 39 -6.55 29.53 17.31
CA VAL D 39 -7.20 28.26 17.03
C VAL D 39 -6.74 27.25 18.09
N LEU D 40 -7.70 26.51 18.61
CA LEU D 40 -7.42 25.54 19.65
C LEU D 40 -7.32 24.21 18.93
N THR D 41 -6.27 23.43 19.17
CA THR D 41 -6.12 22.12 18.55
C THR D 41 -5.49 21.10 19.52
N ALA D 42 -5.20 19.89 19.02
CA ALA D 42 -4.58 18.81 19.82
C ALA D 42 -3.08 18.84 19.58
N ALA D 43 -2.32 18.70 20.65
CA ALA D 43 -0.87 18.72 20.56
C ALA D 43 -0.27 17.63 19.63
N HIS D 44 -0.87 16.45 19.56
CA HIS D 44 -0.28 15.41 18.73
C HIS D 44 -0.35 15.72 17.24
N CYS D 45 -1.28 16.60 16.89
CA CYS D 45 -1.40 17.04 15.52
C CYS D 45 -0.15 17.81 15.10
N VAL D 46 0.49 18.51 16.06
CA VAL D 46 1.65 19.32 15.73
C VAL D 46 2.91 19.05 16.53
N GLY D 47 2.91 17.96 17.27
CA GLY D 47 4.06 17.60 18.09
C GLY D 47 4.18 16.08 18.25
N PRO D 48 5.05 15.61 19.15
CA PRO D 48 5.91 16.42 20.01
C PRO D 48 7.12 17.08 19.36
N ASP D 49 7.50 16.63 18.18
CA ASP D 49 8.66 17.24 17.53
C ASP D 49 8.32 18.58 16.87
N VAL D 50 9.23 19.55 17.01
CA VAL D 50 9.02 20.88 16.45
C VAL D 50 8.88 20.87 14.92
N LYS D 51 7.84 21.53 14.44
CA LYS D 51 7.53 21.59 13.02
C LYS D 51 7.88 22.94 12.41
N ASP D 52 7.95 22.95 11.08
CA ASP D 52 8.25 24.11 10.27
C ASP D 52 6.99 24.98 10.12
N LEU D 53 7.02 26.22 10.63
CA LEU D 53 5.84 27.10 10.52
C LEU D 53 5.35 27.33 9.08
N ALA D 54 6.28 27.43 8.13
CA ALA D 54 5.90 27.67 6.73
C ALA D 54 5.15 26.51 6.09
N ALA D 55 5.19 25.34 6.69
CA ALA D 55 4.51 24.19 6.09
C ALA D 55 3.08 23.98 6.62
N LEU D 56 2.57 24.95 7.36
CA LEU D 56 1.23 24.81 7.94
C LEU D 56 0.25 25.91 7.59
N ARG D 57 -0.99 25.53 7.36
CA ARG D 57 -2.03 26.51 7.04
C ARG D 57 -3.29 26.20 7.81
N VAL D 58 -4.05 27.25 8.13
CA VAL D 58 -5.33 27.12 8.83
C VAL D 58 -6.44 27.46 7.85
N GLN D 59 -7.48 26.63 7.78
CA GLN D 59 -8.58 26.91 6.87
C GLN D 59 -9.83 26.98 7.74
N LEU D 60 -10.61 28.05 7.58
CA LEU D 60 -11.83 28.22 8.39
C LEU D 60 -13.00 27.42 7.87
N ARG D 61 -14.13 27.45 8.59
CA ARG D 61 -15.27 26.65 8.18
C ARG D 61 -15.47 26.59 6.67
N GLU D 62 -15.81 25.39 6.23
CA GLU D 62 -16.01 25.08 4.82
C GLU D 62 -17.03 23.97 4.84
N GLN D 63 -18.02 24.03 3.97
CA GLN D 63 -19.00 22.98 3.96
C GLN D 63 -18.36 21.75 3.28
N HIS D 64 -17.54 21.98 2.27
CA HIS D 64 -16.87 20.90 1.55
C HIS D 64 -15.37 21.18 1.46
N LEU D 65 -14.58 20.27 2.03
CA LEU D 65 -13.12 20.42 2.05
C LEU D 65 -12.49 20.68 0.69
N TYR D 66 -11.54 21.62 0.67
CA TYR D 66 -10.77 21.97 -0.50
C TYR D 66 -11.46 22.77 -1.58
N TYR D 67 -12.79 22.83 -1.54
CA TYR D 67 -13.55 23.55 -2.56
C TYR D 67 -13.58 25.08 -2.47
N GLN D 68 -13.49 25.65 -1.28
CA GLN D 68 -13.48 27.12 -1.18
C GLN D 68 -12.32 27.60 -0.30
N ASP D 69 -11.11 27.17 -0.64
CA ASP D 69 -9.91 27.47 0.15
C ASP D 69 -9.36 28.90 0.22
N GLN D 70 -9.18 29.37 1.44
CA GLN D 70 -8.63 30.68 1.68
C GLN D 70 -7.69 30.44 2.84
N LEU D 71 -6.55 29.84 2.52
CA LEU D 71 -5.54 29.48 3.53
C LEU D 71 -4.92 30.65 4.29
N LEU D 72 -4.81 30.48 5.59
CA LEU D 72 -4.28 31.50 6.47
C LEU D 72 -2.94 31.09 7.10
N PRO D 73 -2.01 32.05 7.18
CA PRO D 73 -0.71 31.74 7.78
C PRO D 73 -0.73 31.77 9.34
N VAL D 74 0.22 31.09 9.97
CA VAL D 74 0.28 31.10 11.43
C VAL D 74 1.66 31.57 11.85
N SER D 75 1.69 32.48 12.82
CA SER D 75 2.95 33.03 13.31
C SER D 75 3.57 32.28 14.49
N ARG D 76 2.76 31.51 15.22
CA ARG D 76 3.23 30.77 16.37
C ARG D 76 2.50 29.45 16.58
N ILE D 77 3.24 28.43 17.03
CA ILE D 77 2.62 27.14 17.36
C ILE D 77 3.01 26.92 18.84
N ILE D 78 2.03 27.01 19.75
CA ILE D 78 2.31 26.81 21.18
C ILE D 78 1.79 25.45 21.64
N VAL D 79 2.72 24.55 21.97
CA VAL D 79 2.35 23.22 22.41
C VAL D 79 2.51 23.08 23.92
N HIS D 80 1.55 22.44 24.58
CA HIS D 80 1.67 22.29 26.03
C HIS D 80 2.94 21.48 26.32
N PRO D 81 3.80 22.01 27.21
CA PRO D 81 5.07 21.42 27.61
C PRO D 81 4.98 20.07 28.25
N GLN D 82 3.83 19.75 28.82
CA GLN D 82 3.68 18.45 29.45
C GLN D 82 3.42 17.34 28.40
N PHE D 83 3.21 17.73 27.15
CA PHE D 83 2.92 16.75 26.11
C PHE D 83 4.05 15.98 25.44
N TYR D 84 3.81 14.68 25.31
CA TYR D 84 4.69 13.78 24.60
C TYR D 84 3.80 12.81 23.78
N THR D 85 2.80 12.18 24.38
CA THR D 85 1.86 11.36 23.61
C THR D 85 0.45 11.60 24.20
N ALA D 86 -0.58 11.24 23.44
CA ALA D 86 -1.94 11.43 23.93
C ALA D 86 -2.33 10.48 25.08
N GLN D 87 -1.61 9.37 25.28
CA GLN D 87 -1.96 8.45 26.37
C GLN D 87 -1.48 8.99 27.67
N ILE D 88 -0.38 9.73 27.63
CA ILE D 88 0.19 10.37 28.82
C ILE D 88 -0.61 11.64 29.18
N GLY D 89 -1.18 12.33 28.19
CA GLY D 89 -1.99 13.50 28.47
C GLY D 89 -1.45 14.82 27.98
N ALA D 90 -2.13 15.91 28.35
CA ALA D 90 -1.75 17.27 27.99
C ALA D 90 -1.78 17.47 26.48
N ASP D 91 -2.62 16.70 25.80
CA ASP D 91 -2.73 16.78 24.33
C ASP D 91 -3.52 18.03 23.90
N ILE D 92 -2.90 19.19 24.01
CA ILE D 92 -3.56 20.43 23.71
C ILE D 92 -2.54 21.41 23.13
N ALA D 93 -2.96 22.28 22.20
CA ALA D 93 -2.01 23.23 21.62
C ALA D 93 -2.68 24.46 20.99
N LEU D 94 -1.92 25.54 20.84
CA LEU D 94 -2.45 26.78 20.27
C LEU D 94 -1.75 27.26 19.01
N LEU D 95 -2.55 27.80 18.11
CA LEU D 95 -2.05 28.34 16.86
C LEU D 95 -2.43 29.80 16.85
N GLU D 96 -1.45 30.69 16.92
CA GLU D 96 -1.82 32.10 16.85
C GLU D 96 -1.75 32.47 15.36
N LEU D 97 -2.85 32.92 14.79
CA LEU D 97 -2.90 33.30 13.39
C LEU D 97 -2.04 34.53 13.15
N GLU D 98 -1.37 34.61 11.99
CA GLU D 98 -0.57 35.80 11.73
C GLU D 98 -1.47 37.03 11.80
N GLU D 99 -2.72 36.88 11.38
CA GLU D 99 -3.68 37.98 11.39
C GLU D 99 -5.04 37.61 12.02
N PRO D 100 -5.71 38.58 12.67
CA PRO D 100 -7.01 38.31 13.27
C PRO D 100 -8.07 38.05 12.19
N VAL D 101 -9.11 37.33 12.56
CA VAL D 101 -10.18 36.98 11.63
C VAL D 101 -11.36 37.94 11.73
N LYS D 102 -11.87 38.40 10.60
CA LYS D 102 -13.04 39.27 10.63
C LYS D 102 -14.22 38.32 10.85
N VAL D 103 -14.84 38.40 12.03
CA VAL D 103 -15.97 37.52 12.39
C VAL D 103 -17.16 37.54 11.42
N SER D 104 -18.04 36.55 11.52
CA SER D 104 -19.21 36.48 10.65
C SER D 104 -20.36 35.67 11.24
N SER D 105 -21.51 35.75 10.59
CA SER D 105 -22.67 35.00 11.03
C SER D 105 -22.30 33.56 10.72
N HIS D 106 -21.43 33.39 9.74
CA HIS D 106 -20.99 32.07 9.31
C HIS D 106 -19.71 31.63 10.02
N VAL D 107 -18.86 32.58 10.39
CA VAL D 107 -17.62 32.21 11.06
C VAL D 107 -17.29 33.06 12.29
N HIS D 108 -17.40 32.44 13.47
CA HIS D 108 -17.06 33.11 14.72
C HIS D 108 -16.56 32.11 15.74
N THR D 109 -16.09 32.61 16.86
CA THR D 109 -15.51 31.79 17.92
C THR D 109 -16.42 30.82 18.62
N VAL D 110 -15.83 29.99 19.45
CA VAL D 110 -16.57 29.03 20.24
C VAL D 110 -16.24 29.42 21.69
N THR D 111 -17.25 29.33 22.53
CA THR D 111 -17.13 29.65 23.94
C THR D 111 -16.48 28.52 24.77
N LEU D 112 -15.47 28.85 25.56
CA LEU D 112 -14.82 27.85 26.43
C LEU D 112 -15.70 27.73 27.67
N PRO D 113 -15.84 26.51 28.22
CA PRO D 113 -16.70 26.41 29.40
C PRO D 113 -16.12 27.03 30.66
N PRO D 114 -16.99 27.34 31.62
CA PRO D 114 -16.51 27.94 32.86
C PRO D 114 -15.69 26.84 33.55
N ALA D 115 -14.74 27.23 34.41
CA ALA D 115 -13.88 26.27 35.10
C ALA D 115 -14.54 25.20 35.97
N SER D 116 -15.87 25.24 36.13
CA SER D 116 -16.54 24.26 36.96
C SER D 116 -17.37 23.25 36.19
N GLU D 117 -17.49 23.45 34.88
CA GLU D 117 -18.26 22.55 34.02
C GLU D 117 -17.72 21.12 34.09
N THR D 118 -18.62 20.13 34.08
CA THR D 118 -18.17 18.74 34.16
C THR D 118 -18.69 17.90 33.02
N PHE D 119 -19.88 18.26 32.53
CA PHE D 119 -20.51 17.56 31.41
C PHE D 119 -20.85 16.09 31.71
N PRO D 120 -21.89 15.85 32.52
CA PRO D 120 -22.36 14.51 32.92
C PRO D 120 -23.11 13.76 31.82
N PRO D 121 -23.32 12.44 31.99
CA PRO D 121 -24.03 11.70 30.95
C PRO D 121 -25.40 12.34 30.74
N GLY D 122 -25.91 12.33 29.52
CA GLY D 122 -27.21 12.93 29.26
C GLY D 122 -27.23 14.28 28.52
N MET D 123 -26.15 15.04 28.63
CA MET D 123 -26.04 16.34 27.96
C MET D 123 -25.97 16.20 26.44
N PRO D 124 -26.66 17.08 25.71
CA PRO D 124 -26.59 16.94 24.25
C PRO D 124 -25.23 17.43 23.78
N CYS D 125 -24.39 16.53 23.29
CA CYS D 125 -23.04 16.90 22.81
C CYS D 125 -22.79 16.33 21.39
N TRP D 126 -22.11 17.13 20.56
CA TRP D 126 -21.75 16.80 19.18
C TRP D 126 -20.26 16.97 18.94
N VAL D 127 -19.64 16.04 18.21
CA VAL D 127 -18.24 16.19 17.84
C VAL D 127 -18.34 16.34 16.32
N THR D 128 -17.45 17.13 15.73
CA THR D 128 -17.48 17.43 14.31
C THR D 128 -16.11 17.41 13.60
N GLY D 129 -16.14 17.22 12.28
CA GLY D 129 -14.89 17.18 11.55
C GLY D 129 -14.96 16.51 10.19
N TRP D 130 -13.81 16.45 9.54
CA TRP D 130 -13.66 15.85 8.21
C TRP D 130 -12.86 14.54 8.22
N GLY D 131 -12.75 13.92 9.39
CA GLY D 131 -11.99 12.69 9.51
C GLY D 131 -12.67 11.42 9.01
N ASP D 132 -11.96 10.29 9.11
CA ASP D 132 -12.48 9.00 8.67
C ASP D 132 -13.89 8.71 9.18
N VAL D 133 -14.59 7.91 8.41
CA VAL D 133 -15.97 7.53 8.72
C VAL D 133 -16.04 6.18 9.41
N ASP D 134 -14.90 5.50 9.50
CA ASP D 134 -14.82 4.21 10.20
C ASP D 134 -13.37 3.78 10.13
N ASN D 135 -12.96 2.83 10.97
CA ASN D 135 -11.58 2.37 10.98
C ASN D 135 -11.08 2.15 9.53
N ASP D 136 -9.97 2.81 9.20
CA ASP D 136 -9.38 2.69 7.87
C ASP D 136 -10.37 3.04 6.76
N GLU D 137 -11.35 3.88 7.06
CA GLU D 137 -12.36 4.31 6.08
C GLU D 137 -12.34 5.83 5.90
N ARG D 138 -11.85 6.29 4.77
CA ARG D 138 -11.76 7.71 4.50
C ARG D 138 -13.09 8.37 4.19
N LEU D 139 -13.21 9.64 4.57
CA LEU D 139 -14.39 10.40 4.25
C LEU D 139 -14.25 10.59 2.74
N PRO D 140 -15.24 10.10 1.95
CA PRO D 140 -15.26 10.18 0.49
C PRO D 140 -15.46 11.62 0.01
N PRO D 141 -15.10 11.92 -1.25
CA PRO D 141 -15.29 13.30 -1.73
C PRO D 141 -16.79 13.45 -1.99
N PRO D 142 -17.34 14.69 -1.95
CA PRO D 142 -16.75 16.01 -1.73
C PRO D 142 -16.31 16.42 -0.30
N PHE D 143 -16.24 15.45 0.61
CA PHE D 143 -15.75 15.75 1.96
C PHE D 143 -16.61 16.74 2.77
N PRO D 144 -17.87 16.41 2.99
CA PRO D 144 -18.75 17.30 3.76
C PRO D 144 -18.33 17.35 5.23
N LEU D 145 -18.48 18.49 5.88
CA LEU D 145 -18.16 18.53 7.30
C LEU D 145 -19.17 17.60 7.98
N LYS D 146 -18.72 16.65 8.78
CA LYS D 146 -19.70 15.78 9.44
C LYS D 146 -19.89 16.15 10.92
N GLN D 147 -20.96 15.64 11.49
CA GLN D 147 -21.24 15.88 12.89
C GLN D 147 -21.88 14.62 13.38
N VAL D 148 -21.81 14.40 14.68
CA VAL D 148 -22.46 13.26 15.29
C VAL D 148 -22.66 13.58 16.76
N LYS D 149 -23.86 13.30 17.25
CA LYS D 149 -24.22 13.52 18.64
C LYS D 149 -23.68 12.28 19.38
N VAL D 150 -22.86 12.51 20.40
CA VAL D 150 -22.23 11.40 21.13
C VAL D 150 -22.53 11.45 22.64
N PRO D 151 -22.67 10.28 23.28
CA PRO D 151 -22.95 10.27 24.72
C PRO D 151 -21.71 10.43 25.57
N ILE D 152 -21.78 11.27 26.61
CA ILE D 152 -20.67 11.48 27.53
C ILE D 152 -20.77 10.38 28.60
N MET D 153 -19.64 9.74 28.90
CA MET D 153 -19.60 8.67 29.90
C MET D 153 -18.69 9.17 31.02
N GLU D 154 -19.06 8.93 32.28
CA GLU D 154 -18.23 9.36 33.42
C GLU D 154 -16.83 8.82 33.27
N ASN D 155 -15.83 9.56 33.71
CA ASN D 155 -14.44 9.13 33.60
C ASN D 155 -14.10 7.79 34.23
N HIS D 156 -14.38 7.66 35.53
CA HIS D 156 -14.08 6.44 36.27
C HIS D 156 -14.73 5.23 35.65
N ILE D 157 -15.87 5.42 35.01
CA ILE D 157 -16.57 4.31 34.35
C ILE D 157 -15.84 3.98 33.05
N CYS D 158 -15.49 5.02 32.31
CA CYS D 158 -14.81 4.86 31.05
C CYS D 158 -13.44 4.18 31.32
N ASP D 159 -12.75 4.62 32.38
CA ASP D 159 -11.47 4.02 32.73
C ASP D 159 -11.65 2.51 32.93
N ALA D 160 -12.62 2.14 33.76
CA ALA D 160 -12.86 0.72 34.01
C ALA D 160 -13.15 -0.05 32.72
N LYS D 161 -13.84 0.60 31.78
CA LYS D 161 -14.15 -0.04 30.51
C LYS D 161 -12.88 -0.25 29.70
N TYR D 162 -11.96 0.70 29.76
CA TYR D 162 -10.75 0.49 28.99
C TYR D 162 -9.94 -0.67 29.54
N HIS D 163 -10.07 -0.93 30.85
CA HIS D 163 -9.37 -2.05 31.44
C HIS D 163 -10.03 -3.37 31.04
N LEU D 164 -11.20 -3.34 30.40
CA LEU D 164 -11.88 -4.57 30.03
C LEU D 164 -11.14 -5.28 28.92
N GLY D 165 -10.76 -6.54 29.13
CA GLY D 165 -10.04 -7.29 28.11
C GLY D 165 -8.56 -6.95 28.01
N ALA D 166 -8.05 -6.16 28.97
CA ALA D 166 -6.64 -5.76 28.96
C ALA D 166 -5.90 -6.40 30.11
N TYR D 167 -4.58 -6.37 30.06
CA TYR D 167 -3.79 -6.95 31.13
C TYR D 167 -3.59 -5.93 32.23
N THR D 168 -3.76 -4.65 31.89
CA THR D 168 -3.56 -3.55 32.83
C THR D 168 -4.26 -3.66 34.20
N GLY D 169 -3.55 -3.27 35.25
CA GLY D 169 -4.11 -3.32 36.60
C GLY D 169 -5.24 -2.31 36.82
N ASP D 170 -6.32 -2.80 37.39
CA ASP D 170 -7.49 -1.98 37.65
C ASP D 170 -7.15 -0.66 38.31
N ASP D 171 -6.11 -0.65 39.12
CA ASP D 171 -5.73 0.57 39.81
C ASP D 171 -4.75 1.49 39.07
N VAL D 172 -4.42 1.16 37.83
CA VAL D 172 -3.53 2.03 37.04
C VAL D 172 -4.46 2.68 36.03
N ARG D 173 -4.53 4.00 36.09
CA ARG D 173 -5.40 4.79 35.23
C ARG D 173 -5.02 4.84 33.76
N ILE D 174 -5.99 4.56 32.90
CA ILE D 174 -5.78 4.63 31.45
C ILE D 174 -6.36 5.97 30.98
N VAL D 175 -7.62 6.22 31.37
CA VAL D 175 -8.32 7.45 31.03
C VAL D 175 -7.99 8.39 32.19
N ARG D 176 -7.17 9.41 31.95
CA ARG D 176 -6.76 10.29 33.02
C ARG D 176 -7.72 11.41 33.42
N ASP D 177 -7.38 12.09 34.51
CA ASP D 177 -8.19 13.20 35.02
C ASP D 177 -8.32 14.36 34.03
N ASP D 178 -7.27 14.63 33.26
CA ASP D 178 -7.34 15.71 32.26
C ASP D 178 -7.95 15.23 30.93
N MET D 179 -8.66 14.11 30.97
CA MET D 179 -9.29 13.56 29.77
C MET D 179 -10.81 13.42 29.96
N LEU D 180 -11.52 13.17 28.87
CA LEU D 180 -12.98 13.05 28.90
C LEU D 180 -13.39 12.02 27.86
N CYS D 181 -14.48 11.30 28.11
CA CYS D 181 -14.94 10.27 27.17
C CYS D 181 -16.32 10.54 26.61
N ALA D 182 -16.52 10.07 25.40
CA ALA D 182 -17.81 10.21 24.74
C ALA D 182 -17.89 9.34 23.48
N GLY D 183 -19.07 8.83 23.19
CA GLY D 183 -19.27 8.02 22.01
C GLY D 183 -19.59 6.58 22.34
N ASN D 184 -20.10 5.85 21.35
CA ASN D 184 -20.41 4.44 21.53
C ASN D 184 -19.97 3.75 20.24
N THR D 185 -20.41 2.52 20.05
CA THR D 185 -20.07 1.74 18.87
C THR D 185 -20.74 2.21 17.58
N ARG D 186 -21.59 3.22 17.63
CA ARG D 186 -22.20 3.69 16.40
C ARG D 186 -21.89 5.18 16.16
N ARG D 187 -21.47 5.85 17.22
CA ARG D 187 -21.12 7.28 17.15
C ARG D 187 -19.75 7.56 17.75
N ASP D 188 -18.82 8.00 16.91
CA ASP D 188 -17.48 8.30 17.35
C ASP D 188 -16.70 9.26 16.46
N SER D 189 -15.53 9.61 16.97
CA SER D 189 -14.52 10.47 16.40
C SER D 189 -13.58 9.45 15.71
N CYS D 190 -12.71 9.88 14.81
CA CYS D 190 -11.78 8.96 14.16
C CYS D 190 -10.65 9.71 13.52
N GLN D 191 -9.58 9.02 13.14
CA GLN D 191 -8.42 9.71 12.53
C GLN D 191 -8.83 10.80 11.52
N GLY D 192 -8.17 11.96 11.64
CA GLY D 192 -8.51 13.08 10.79
C GLY D 192 -9.42 14.06 11.54
N ASP D 193 -10.09 13.60 12.60
CA ASP D 193 -10.96 14.46 13.40
C ASP D 193 -10.16 15.08 14.52
N SER D 194 -9.01 14.47 14.81
CA SER D 194 -8.11 14.93 15.86
C SER D 194 -7.88 16.43 15.90
N GLY D 195 -7.89 16.99 17.11
CA GLY D 195 -7.68 18.42 17.26
C GLY D 195 -8.99 19.20 17.17
N GLY D 196 -10.03 18.61 16.59
CA GLY D 196 -11.30 19.32 16.48
C GLY D 196 -12.05 19.39 17.81
N PRO D 197 -13.27 19.96 17.84
CA PRO D 197 -14.08 20.09 19.06
C PRO D 197 -15.21 19.11 19.34
N LEU D 198 -15.50 18.98 20.64
CA LEU D 198 -16.61 18.20 21.18
C LEU D 198 -17.34 19.36 21.85
N VAL D 199 -18.56 19.69 21.42
CA VAL D 199 -19.30 20.81 22.03
C VAL D 199 -20.63 20.35 22.61
N CYS D 200 -21.01 20.94 23.73
CA CYS D 200 -22.26 20.58 24.34
C CYS D 200 -23.09 21.83 24.50
N LYS D 201 -24.40 21.67 24.43
CA LYS D 201 -25.29 22.80 24.59
C LYS D 201 -25.62 22.89 26.08
N VAL D 202 -25.07 23.92 26.72
CA VAL D 202 -25.28 24.18 28.14
C VAL D 202 -25.98 25.53 28.38
N ASN D 203 -27.18 25.49 28.97
CA ASN D 203 -27.94 26.71 29.28
C ASN D 203 -28.10 27.62 28.08
N GLY D 204 -28.66 27.06 27.00
CA GLY D 204 -28.86 27.83 25.80
C GLY D 204 -27.59 28.34 25.14
N THR D 205 -26.46 27.70 25.41
CA THR D 205 -25.19 28.11 24.80
C THR D 205 -24.15 26.97 24.65
N TRP D 206 -23.55 26.90 23.46
CA TRP D 206 -22.55 25.90 23.11
C TRP D 206 -21.24 26.06 23.88
N LEU D 207 -20.80 25.01 24.56
CA LEU D 207 -19.53 25.09 25.27
C LEU D 207 -18.56 24.01 24.74
N GLN D 208 -17.30 24.36 24.50
CA GLN D 208 -16.36 23.34 24.06
C GLN D 208 -15.82 22.56 25.24
N ALA D 209 -16.36 21.37 25.44
CA ALA D 209 -15.97 20.47 26.53
C ALA D 209 -14.60 19.79 26.31
N GLY D 210 -14.33 19.39 25.08
CA GLY D 210 -13.08 18.71 24.83
C GLY D 210 -12.45 18.93 23.45
N VAL D 211 -11.28 18.31 23.28
CA VAL D 211 -10.51 18.35 22.04
C VAL D 211 -10.31 16.88 21.61
N VAL D 212 -10.67 16.53 20.38
CA VAL D 212 -10.52 15.15 19.92
C VAL D 212 -9.08 14.73 20.12
N SER D 213 -8.86 13.66 20.91
CA SER D 213 -7.52 13.23 21.23
C SER D 213 -7.07 11.84 20.80
N TRP D 214 -7.66 10.80 21.37
CA TRP D 214 -7.27 9.43 21.02
C TRP D 214 -8.32 8.41 21.41
N GLY D 215 -7.93 7.13 21.37
CA GLY D 215 -8.81 6.01 21.70
C GLY D 215 -8.29 4.73 21.06
N GLU D 216 -8.92 3.60 21.38
CA GLU D 216 -8.54 2.34 20.79
C GLU D 216 -9.48 2.15 19.65
N GLY D 217 -9.01 2.53 18.46
CA GLY D 217 -9.84 2.46 17.26
C GLY D 217 -10.93 3.52 17.28
N CYS D 218 -11.97 3.27 16.51
CA CYS D 218 -13.11 4.17 16.41
C CYS D 218 -14.35 3.32 16.50
N ALA D 219 -15.27 3.72 17.38
CA ALA D 219 -16.53 3.02 17.56
C ALA D 219 -16.44 1.54 17.87
N GLN D 220 -15.41 1.15 18.61
CA GLN D 220 -15.24 -0.27 18.95
C GLN D 220 -15.87 -0.60 20.30
N PRO D 221 -16.29 -1.86 20.49
CA PRO D 221 -16.90 -2.21 21.78
C PRO D 221 -16.06 -1.85 22.99
N ASN D 222 -16.71 -1.23 23.96
CA ASN D 222 -16.04 -0.85 25.19
C ASN D 222 -14.83 0.05 25.05
N ARG D 223 -14.80 0.88 23.99
CA ARG D 223 -13.68 1.80 23.76
C ARG D 223 -14.15 3.21 23.30
N PRO D 224 -14.87 3.92 24.15
CA PRO D 224 -15.33 5.26 23.78
C PRO D 224 -14.20 6.20 23.37
N GLY D 225 -14.52 7.23 22.61
CA GLY D 225 -13.47 8.14 22.22
C GLY D 225 -12.98 8.97 23.38
N ILE D 226 -11.69 9.31 23.40
CA ILE D 226 -11.14 10.11 24.48
C ILE D 226 -10.84 11.52 24.00
N TYR D 227 -11.20 12.51 24.82
CA TYR D 227 -11.00 13.90 24.48
C TYR D 227 -10.21 14.65 25.55
N THR D 228 -9.45 15.64 25.13
CA THR D 228 -8.70 16.41 26.09
C THR D 228 -9.74 17.29 26.73
N ARG D 229 -9.85 17.17 28.06
CA ARG D 229 -10.81 17.95 28.87
C ARG D 229 -10.38 19.42 28.87
N VAL D 230 -11.16 20.27 28.23
CA VAL D 230 -10.83 21.70 28.14
C VAL D 230 -10.64 22.37 29.53
N THR D 231 -11.55 22.10 30.46
CA THR D 231 -11.49 22.69 31.79
C THR D 231 -10.12 22.53 32.43
N TYR D 232 -9.48 21.39 32.23
CA TYR D 232 -8.17 21.15 32.81
C TYR D 232 -7.06 22.02 32.23
N TYR D 233 -7.33 22.81 31.19
CA TYR D 233 -6.25 23.62 30.65
C TYR D 233 -6.55 25.06 30.43
N LEU D 234 -7.64 25.54 31.02
CA LEU D 234 -8.02 26.96 30.87
C LEU D 234 -6.88 27.90 31.33
N ASP D 235 -6.28 27.57 32.47
CA ASP D 235 -5.19 28.37 33.03
C ASP D 235 -4.11 28.55 31.97
N TRP D 236 -3.75 27.43 31.34
CA TRP D 236 -2.73 27.41 30.30
C TRP D 236 -3.21 28.16 29.06
N ILE D 237 -4.42 27.86 28.59
CA ILE D 237 -4.95 28.56 27.44
C ILE D 237 -4.90 30.08 27.70
N HIS D 238 -5.43 30.49 28.85
CA HIS D 238 -5.44 31.90 29.20
C HIS D 238 -4.10 32.57 29.35
N HIS D 239 -3.02 31.82 29.52
CA HIS D 239 -1.74 32.50 29.61
C HIS D 239 -1.50 33.19 28.26
N TYR D 240 -2.02 32.61 27.18
CA TYR D 240 -1.80 33.18 25.85
C TYR D 240 -2.92 33.91 25.16
N VAL D 241 -4.14 33.38 25.21
CA VAL D 241 -5.24 34.04 24.51
C VAL D 241 -6.11 34.87 25.44
N PRO D 242 -6.35 36.13 25.06
CA PRO D 242 -7.18 37.07 25.83
C PRO D 242 -8.55 36.49 26.14
N LYS D 243 -9.04 36.71 27.27
#